data_6VAV
#
_entry.id   6VAV
#
_cell.length_a   75.760
_cell.length_b   124.640
_cell.length_c   128.375
_cell.angle_alpha   90.00
_cell.angle_beta   90.00
_cell.angle_gamma   90.00
#
_symmetry.space_group_name_H-M   'P 2 21 21'
#
loop_
_entity.id
_entity.type
_entity.pdbx_description
1 polymer 'Galactose-binding lectin'
2 non-polymer "N-[[1-[(3S,3aR,6S,6aR)-6-[4-[[[4-[[(2R,3R,4S,5R,6R)-6-(hydroxymethyl)-3,4,5-tris(oxidanyl)oxan-2-yl]amino]-4-oxidanylidene-butanoyl]amino]methyl]-1,2,3-triazol-1-yl]-2,3,3a,5,6,6a-hexahydrofuro[3,2-b]furan-3-yl]-1,2,3-triazol-4-yl]methyl]-N'-[(2R,3R,4S,5R,6R)-6-(hydroxymethyl)-3,4,5-tris(oxidanyl)oxan-2-yl]butanediamide"
3 non-polymer 'MANGANESE (II) ION'
4 non-polymer 'CALCIUM ION'
5 water water
#
_entity_poly.entity_id   1
_entity_poly.type   'polypeptide(L)'
_entity_poly.pdbx_seq_one_letter_code
;AETVSFNFNSFSEGNPAINFQGDVTVLSNGNIQLTNLNKVNSVGRVLYAMPVRIWSSATGNVASFLTSFSFEMKDIKDYD
PADGIIFFIAPEDTQIPAGSIGGGTLGVSDTKGAGHFVGVEFDTYSNSEYNDPPTDHVGIDVNSVDSVKTVPWNSVSGAV
VKVTVIYDSSTKTLSVAVTNDNGDITTIAQVVDLKAKLPERVKFGFSASGSLGGRQIHLIRSWSFTSTLITTTRRS
;
_entity_poly.pdbx_strand_id   A,B,C,D
#
loop_
_chem_comp.id
_chem_comp.type
_chem_comp.name
_chem_comp.formula
CA non-polymer 'CALCIUM ION' 'Ca 2'
MN non-polymer 'MANGANESE (II) ION' 'Mn 2'
QTY non-polymer N-[[1-[(3S,3aR,6S,6aR)-6-[4-[[[4-[[(2R,3R,4S,5R,6R)-6-(hydroxymethyl)-3,4,5-tris(oxidanyl)oxan-2-yl]amino]-4-oxidanylidene-butanoyl]amino]methyl]-1,2,3-triazol-1-yl]-2,3,3a,5,6,6a-hexahydrofuro[3,2-b]furan-3-yl]-1,2,3-triazol-4-yl]methyl]-N'-[(2R,3R,4S,5R,6R)-6-(hydroxymethyl)-3,4,5-tris(oxidanyl)oxan-2-yl]butanediamide 'C32 H48 N10 O16'
#
# COMPACT_ATOMS: atom_id res chain seq x y z
N ALA A 1 -8.00 9.72 -9.99
CA ALA A 1 -7.26 10.70 -9.19
C ALA A 1 -5.73 10.48 -9.27
N GLU A 2 -4.99 11.54 -8.95
CA GLU A 2 -3.52 11.58 -8.98
C GLU A 2 -3.04 11.42 -7.54
N THR A 3 -2.30 10.33 -7.28
CA THR A 3 -1.80 10.01 -5.94
C THR A 3 -0.27 9.86 -5.90
N VAL A 4 0.33 10.45 -4.84
CA VAL A 4 1.75 10.33 -4.50
C VAL A 4 1.79 9.58 -3.19
N SER A 5 2.51 8.47 -3.15
CA SER A 5 2.62 7.68 -1.93
C SER A 5 4.04 7.15 -1.73
N PHE A 6 4.54 7.29 -0.49
CA PHE A 6 5.85 6.78 -0.13
C PHE A 6 5.91 6.40 1.35
N ASN A 7 6.89 5.55 1.68
CA ASN A 7 7.09 5.08 3.04
C ASN A 7 8.59 4.88 3.31
N PHE A 8 9.10 5.56 4.33
CA PHE A 8 10.48 5.47 4.80
C PHE A 8 10.48 4.91 6.21
N ASN A 9 10.93 3.67 6.37
CA ASN A 9 11.08 3.00 7.68
C ASN A 9 12.48 3.32 8.23
N SER A 10 13.39 3.71 7.32
CA SER A 10 14.77 4.10 7.52
C SER A 10 15.21 4.91 6.33
N PHE A 11 16.40 5.47 6.41
CA PHE A 11 16.97 6.28 5.37
C PHE A 11 18.38 5.81 5.03
N SER A 12 18.87 6.23 3.87
CA SER A 12 20.21 5.90 3.40
C SER A 12 20.75 7.00 2.52
N GLU A 13 22.07 7.16 2.59
CA GLU A 13 22.82 8.05 1.72
C GLU A 13 22.72 7.42 0.33
N GLY A 14 22.57 8.24 -0.69
CA GLY A 14 22.50 7.65 -2.02
C GLY A 14 21.11 7.29 -2.50
N ASN A 15 20.08 7.38 -1.62
CA ASN A 15 18.69 7.14 -2.03
C ASN A 15 18.25 8.34 -2.89
N PRO A 16 17.99 8.14 -4.20
CA PRO A 16 17.58 9.30 -5.05
C PRO A 16 16.23 9.92 -4.67
N ALA A 17 15.40 9.27 -3.81
CA ALA A 17 14.09 9.82 -3.38
C ALA A 17 14.22 10.95 -2.37
N ILE A 18 15.45 11.16 -1.82
CA ILE A 18 15.71 12.16 -0.81
C ILE A 18 16.80 13.16 -1.24
N ASN A 19 16.49 14.46 -1.09
CA ASN A 19 17.43 15.58 -1.27
C ASN A 19 17.98 15.98 0.09
N PHE A 20 19.30 15.99 0.23
CA PHE A 20 19.94 16.40 1.48
C PHE A 20 20.48 17.81 1.32
N GLN A 21 20.14 18.70 2.26
CA GLN A 21 20.59 20.10 2.25
C GLN A 21 21.33 20.46 3.53
N GLY A 22 22.46 21.15 3.41
CA GLY A 22 23.24 21.57 4.56
C GLY A 22 23.91 20.46 5.36
N ASP A 23 23.82 20.56 6.69
CA ASP A 23 24.55 19.72 7.65
C ASP A 23 23.96 18.31 7.93
N VAL A 24 23.04 17.81 7.09
CA VAL A 24 22.39 16.49 7.26
C VAL A 24 23.37 15.32 7.09
N THR A 25 23.23 14.31 7.97
CA THR A 25 23.95 13.05 7.88
C THR A 25 22.97 11.90 8.13
N VAL A 26 23.29 10.71 7.60
CA VAL A 26 22.51 9.49 7.83
C VAL A 26 23.37 8.64 8.78
N LEU A 27 22.77 8.24 9.91
CA LEU A 27 23.43 7.42 10.93
C LEU A 27 23.35 5.96 10.49
N SER A 28 24.25 5.10 11.03
CA SER A 28 24.31 3.68 10.67
C SER A 28 23.02 2.93 10.98
N ASN A 29 22.21 3.44 11.95
CA ASN A 29 20.93 2.81 12.31
C ASN A 29 19.77 3.23 11.35
N GLY A 30 20.06 4.08 10.36
CA GLY A 30 19.06 4.51 9.39
C GLY A 30 18.40 5.85 9.67
N ASN A 31 18.62 6.43 10.86
CA ASN A 31 18.06 7.74 11.22
C ASN A 31 18.76 8.86 10.47
N ILE A 32 18.02 9.92 10.18
CA ILE A 32 18.56 11.15 9.61
C ILE A 32 18.91 12.04 10.79
N GLN A 33 20.14 12.55 10.84
CA GLN A 33 20.54 13.53 11.86
C GLN A 33 20.62 14.86 11.11
N LEU A 34 19.80 15.82 11.50
CA LEU A 34 19.65 17.06 10.75
C LEU A 34 20.72 18.12 11.08
N THR A 35 21.21 18.24 12.31
CA THR A 35 22.24 19.26 12.57
C THR A 35 23.59 18.65 12.97
N ASN A 36 24.64 19.44 12.74
CA ASN A 36 26.03 19.12 13.08
C ASN A 36 26.33 19.74 14.46
N LEU A 37 26.53 18.87 15.48
CA LEU A 37 26.74 19.26 16.88
C LEU A 37 28.01 20.11 17.12
N ASN A 38 28.99 20.11 16.18
CA ASN A 38 30.24 20.86 16.30
C ASN A 38 30.27 22.15 15.44
N LYS A 39 29.14 22.53 14.79
CA LYS A 39 29.09 23.71 13.92
C LYS A 39 28.23 24.81 14.48
N VAL A 40 28.71 26.06 14.42
CA VAL A 40 27.94 27.25 14.83
C VAL A 40 26.82 27.48 13.79
N ASN A 41 25.59 27.83 14.24
CA ASN A 41 24.42 28.11 13.36
C ASN A 41 24.18 26.97 12.35
N SER A 42 24.27 25.72 12.83
CA SER A 42 24.08 24.54 11.97
C SER A 42 22.64 24.49 11.44
N VAL A 43 22.48 24.19 10.16
CA VAL A 43 21.18 24.02 9.49
C VAL A 43 21.29 22.77 8.63
N GLY A 44 20.31 21.88 8.78
CA GLY A 44 20.21 20.67 7.99
C GLY A 44 18.77 20.43 7.60
N ARG A 45 18.54 20.05 6.32
CA ARG A 45 17.18 19.81 5.78
C ARG A 45 17.15 18.61 4.85
N VAL A 46 16.04 17.87 4.89
CA VAL A 46 15.79 16.74 4.00
C VAL A 46 14.48 16.98 3.26
N LEU A 47 14.45 16.73 1.95
CA LEU A 47 13.25 16.89 1.12
C LEU A 47 12.97 15.64 0.34
N TYR A 48 11.67 15.36 0.11
CA TYR A 48 11.32 14.29 -0.81
C TYR A 48 11.68 14.85 -2.17
N ALA A 49 12.54 14.15 -2.92
CA ALA A 49 13.14 14.66 -4.18
C ALA A 49 12.15 14.98 -5.30
N MET A 50 11.02 14.29 -5.34
CA MET A 50 10.03 14.53 -6.39
C MET A 50 9.11 15.69 -6.02
N PRO A 51 8.97 16.70 -6.93
CA PRO A 51 7.99 17.77 -6.67
C PRO A 51 6.60 17.16 -6.60
N VAL A 52 5.78 17.66 -5.72
CA VAL A 52 4.42 17.14 -5.55
C VAL A 52 3.45 18.20 -6.05
N ARG A 53 2.56 17.83 -6.99
CA ARG A 53 1.57 18.78 -7.50
C ARG A 53 0.42 18.85 -6.50
N ILE A 54 0.37 19.93 -5.69
CA ILE A 54 -0.62 20.02 -4.61
C ILE A 54 -1.89 20.72 -5.08
N TRP A 55 -1.84 21.42 -6.21
CA TRP A 55 -3.04 22.04 -6.76
C TRP A 55 -2.88 22.25 -8.26
N SER A 56 -4.00 22.31 -8.97
CA SER A 56 -3.99 22.44 -10.43
C SER A 56 -4.64 23.75 -10.86
N SER A 57 -3.89 24.58 -11.64
CA SER A 57 -4.38 25.86 -12.18
C SER A 57 -5.44 25.61 -13.27
N ALA A 58 -5.48 24.37 -13.81
CA ALA A 58 -6.44 23.93 -14.83
C ALA A 58 -7.82 23.67 -14.21
N THR A 59 -7.90 22.85 -13.14
CA THR A 59 -9.17 22.47 -12.50
C THR A 59 -9.55 23.33 -11.26
N GLY A 60 -8.57 23.95 -10.63
CA GLY A 60 -8.77 24.69 -9.38
C GLY A 60 -8.75 23.76 -8.16
N ASN A 61 -8.62 22.45 -8.40
CA ASN A 61 -8.61 21.43 -7.35
C ASN A 61 -7.32 21.42 -6.54
N VAL A 62 -7.44 21.15 -5.23
CA VAL A 62 -6.32 21.10 -4.30
C VAL A 62 -6.26 19.68 -3.71
N ALA A 63 -5.07 19.13 -3.59
CA ALA A 63 -4.88 17.81 -3.03
C ALA A 63 -5.13 17.80 -1.50
N SER A 64 -5.57 16.63 -1.02
CA SER A 64 -5.63 16.31 0.40
C SER A 64 -4.41 15.48 0.67
N PHE A 65 -3.95 15.43 1.92
CA PHE A 65 -2.84 14.55 2.24
C PHE A 65 -2.91 14.03 3.66
N LEU A 66 -2.32 12.86 3.85
CA LEU A 66 -2.15 12.18 5.14
C LEU A 66 -0.68 11.84 5.27
N THR A 67 -0.06 12.31 6.34
CA THR A 67 1.37 12.04 6.54
C THR A 67 1.65 11.76 8.01
N SER A 68 2.50 10.79 8.25
CA SER A 68 2.96 10.43 9.59
C SER A 68 4.48 10.37 9.60
N PHE A 69 5.06 10.79 10.72
CA PHE A 69 6.51 10.75 10.88
C PHE A 69 6.87 10.60 12.34
N SER A 70 8.08 10.09 12.62
CA SER A 70 8.58 9.93 13.97
C SER A 70 9.96 10.59 14.11
N PHE A 71 10.13 11.41 15.14
CA PHE A 71 11.37 12.11 15.38
C PHE A 71 11.82 11.96 16.83
N GLU A 72 13.05 12.40 17.08
CA GLU A 72 13.66 12.40 18.40
C GLU A 72 14.58 13.59 18.53
N MET A 73 14.47 14.31 19.66
CA MET A 73 15.39 15.37 20.03
C MET A 73 16.05 14.94 21.34
N LYS A 74 17.38 15.04 21.42
CA LYS A 74 18.11 14.62 22.60
C LYS A 74 19.13 15.69 23.01
N ASP A 75 19.14 16.05 24.31
CA ASP A 75 20.07 17.03 24.88
C ASP A 75 21.50 16.55 24.72
N ILE A 76 22.42 17.50 24.54
CA ILE A 76 23.87 17.24 24.52
C ILE A 76 24.44 18.07 25.64
N LYS A 77 25.54 17.59 26.25
CA LYS A 77 26.18 18.26 27.38
C LYS A 77 26.54 19.74 27.06
N ASP A 78 26.38 20.61 28.08
CA ASP A 78 26.72 22.05 28.11
C ASP A 78 25.86 22.97 27.23
N TYR A 79 25.50 22.58 25.99
CA TYR A 79 24.71 23.44 25.11
C TYR A 79 23.21 23.47 25.50
N ASP A 80 22.55 24.57 25.19
CA ASP A 80 21.09 24.73 25.40
C ASP A 80 20.39 23.82 24.41
N PRO A 81 19.43 22.95 24.85
CA PRO A 81 18.73 22.08 23.89
C PRO A 81 17.84 22.91 22.97
N ALA A 82 18.38 23.24 21.78
CA ALA A 82 17.76 24.14 20.82
C ALA A 82 18.20 23.78 19.38
N ASP A 83 17.46 24.18 18.31
CA ASP A 83 16.26 25.03 18.37
C ASP A 83 14.94 24.29 18.03
N GLY A 84 15.04 23.08 17.50
CA GLY A 84 13.86 22.30 17.15
C GLY A 84 13.80 21.87 15.70
N ILE A 85 12.69 21.22 15.34
CA ILE A 85 12.44 20.66 14.00
C ILE A 85 11.15 21.27 13.41
N ILE A 86 11.15 21.51 12.08
CA ILE A 86 9.98 21.95 11.35
C ILE A 86 9.70 20.98 10.16
N PHE A 87 8.46 20.48 10.09
CA PHE A 87 7.94 19.70 8.95
C PHE A 87 7.40 20.76 8.02
N PHE A 88 7.98 20.89 6.81
CA PHE A 88 7.57 22.03 5.99
C PHE A 88 7.25 21.67 4.54
N ILE A 89 6.56 22.62 3.87
CA ILE A 89 6.09 22.58 2.47
C ILE A 89 6.57 23.87 1.86
N ALA A 90 7.24 23.80 0.71
CA ALA A 90 7.81 25.00 0.09
C ALA A 90 7.90 24.86 -1.44
N PRO A 91 8.09 25.98 -2.17
CA PRO A 91 8.30 25.90 -3.65
C PRO A 91 9.39 24.86 -3.98
N GLU A 92 9.28 24.16 -5.13
CA GLU A 92 10.20 23.06 -5.49
C GLU A 92 11.69 23.48 -5.53
N ASP A 93 12.02 24.76 -5.73
CA ASP A 93 13.41 25.22 -5.80
C ASP A 93 13.98 25.58 -4.42
N THR A 94 13.22 25.31 -3.33
CA THR A 94 13.60 25.69 -1.96
C THR A 94 15.04 25.26 -1.60
N GLN A 95 15.77 26.22 -1.01
CA GLN A 95 17.12 26.05 -0.49
C GLN A 95 17.19 26.68 0.88
N ILE A 96 18.17 26.24 1.69
CA ILE A 96 18.43 26.89 2.99
C ILE A 96 18.64 28.40 2.69
N PRO A 97 17.95 29.32 3.42
CA PRO A 97 18.11 30.76 3.12
C PRO A 97 19.58 31.19 3.14
N ALA A 98 19.97 32.03 2.18
CA ALA A 98 21.35 32.50 2.07
C ALA A 98 21.75 33.33 3.30
N GLY A 99 22.91 32.98 3.87
CA GLY A 99 23.45 33.58 5.08
C GLY A 99 22.65 33.24 6.32
N SER A 100 21.93 32.09 6.32
CA SER A 100 21.11 31.62 7.43
C SER A 100 21.86 31.67 8.77
N ILE A 101 21.20 32.24 9.78
CA ILE A 101 21.73 32.32 11.13
C ILE A 101 21.31 31.07 11.94
N GLY A 102 20.56 30.14 11.30
CA GLY A 102 20.05 28.95 11.97
C GLY A 102 19.19 29.38 13.15
N GLY A 103 19.48 28.83 14.32
CA GLY A 103 18.75 29.21 15.53
C GLY A 103 17.24 29.16 15.38
N GLY A 104 16.57 30.23 15.83
CA GLY A 104 15.11 30.36 15.82
C GLY A 104 14.46 30.39 14.44
N THR A 105 15.28 30.57 13.38
CA THR A 105 14.80 30.57 12.00
C THR A 105 14.36 29.16 11.55
N LEU A 106 14.85 28.12 12.28
CA LEU A 106 14.58 26.69 12.06
C LEU A 106 15.00 26.26 10.65
N GLY A 107 15.95 27.01 10.06
CA GLY A 107 16.47 26.76 8.72
C GLY A 107 15.51 27.01 7.57
N VAL A 108 14.39 27.70 7.80
CA VAL A 108 13.40 27.95 6.74
C VAL A 108 13.15 29.45 6.49
N SER A 109 13.65 30.31 7.37
CA SER A 109 13.38 31.73 7.23
C SER A 109 14.64 32.61 7.30
N ASP A 110 14.47 33.92 7.01
CA ASP A 110 15.55 34.92 7.11
C ASP A 110 15.65 35.35 8.58
N THR A 111 16.54 36.32 8.89
CA THR A 111 16.77 36.83 10.24
C THR A 111 15.50 37.43 10.84
N LYS A 112 14.66 38.10 10.01
CA LYS A 112 13.41 38.69 10.45
C LYS A 112 12.32 37.64 10.71
N GLY A 113 12.60 36.39 10.33
CA GLY A 113 11.68 35.27 10.53
C GLY A 113 10.73 35.00 9.38
N ALA A 114 10.97 35.63 8.22
CA ALA A 114 10.12 35.49 7.03
C ALA A 114 10.70 34.52 6.00
N GLY A 115 9.82 33.80 5.32
CA GLY A 115 10.19 32.85 4.28
C GLY A 115 9.01 32.47 3.39
N HIS A 116 9.24 31.59 2.43
CA HIS A 116 8.18 31.11 1.57
C HIS A 116 7.97 29.63 1.89
N PHE A 117 7.03 29.34 2.83
CA PHE A 117 6.79 27.96 3.27
C PHE A 117 5.55 27.86 4.16
N VAL A 118 5.04 26.63 4.33
CA VAL A 118 3.96 26.30 5.25
C VAL A 118 4.53 25.19 6.08
N GLY A 119 4.39 25.26 7.38
CA GLY A 119 5.00 24.23 8.22
C GLY A 119 4.38 24.00 9.57
N VAL A 120 4.75 22.85 10.16
CA VAL A 120 4.39 22.45 11.51
C VAL A 120 5.73 22.39 12.29
N GLU A 121 5.93 23.32 13.24
CA GLU A 121 7.18 23.37 14.00
C GLU A 121 7.04 22.76 15.39
N PHE A 122 8.14 22.14 15.83
CA PHE A 122 8.35 21.48 17.12
C PHE A 122 9.48 22.30 17.74
N ASP A 123 9.10 23.40 18.38
CA ASP A 123 9.98 24.45 18.86
C ASP A 123 10.38 24.29 20.34
N THR A 124 11.72 24.19 20.59
CA THR A 124 12.27 23.91 21.92
C THR A 124 13.04 25.09 22.55
N TYR A 125 12.92 26.30 22.00
CA TYR A 125 13.59 27.51 22.52
C TYR A 125 12.72 28.73 22.26
N SER A 126 12.46 29.53 23.31
CA SER A 126 11.62 30.71 23.18
C SER A 126 12.41 31.93 22.65
N ASN A 127 12.20 32.26 21.36
CA ASN A 127 12.77 33.42 20.66
C ASN A 127 11.77 34.57 20.74
N SER A 128 12.04 35.56 21.60
CA SER A 128 11.18 36.74 21.77
C SER A 128 11.04 37.52 20.47
N GLU A 129 12.10 37.50 19.63
CA GLU A 129 12.17 38.17 18.33
C GLU A 129 11.14 37.60 17.33
N TYR A 130 10.63 36.37 17.57
CA TYR A 130 9.62 35.74 16.71
C TYR A 130 8.30 35.52 17.47
N ASN A 131 8.15 36.25 18.61
CA ASN A 131 6.96 36.21 19.48
C ASN A 131 6.62 34.79 19.91
N ASP A 132 7.64 33.96 20.18
CA ASP A 132 7.46 32.59 20.64
C ASP A 132 6.75 32.57 22.00
N PRO A 133 5.89 31.57 22.29
CA PRO A 133 5.31 31.47 23.64
C PRO A 133 6.45 31.15 24.66
N PRO A 134 6.22 31.28 26.00
CA PRO A 134 7.35 31.07 26.94
C PRO A 134 7.85 29.62 27.08
N THR A 135 7.05 28.61 26.70
CA THR A 135 7.44 27.19 26.82
C THR A 135 7.64 26.52 25.45
N ASP A 136 8.12 25.24 25.44
CA ASP A 136 8.15 24.39 24.25
C ASP A 136 6.75 24.34 23.64
N HIS A 137 6.65 24.33 22.31
CA HIS A 137 5.36 24.36 21.64
C HIS A 137 5.39 23.76 20.25
N VAL A 138 4.20 23.43 19.76
CA VAL A 138 3.94 23.01 18.41
C VAL A 138 3.28 24.22 17.76
N GLY A 139 3.74 24.60 16.59
CA GLY A 139 3.18 25.77 15.93
C GLY A 139 2.85 25.50 14.49
N ILE A 140 1.83 26.23 13.96
CA ILE A 140 1.48 26.19 12.55
C ILE A 140 2.04 27.49 11.97
N ASP A 141 2.90 27.34 10.95
CA ASP A 141 3.63 28.43 10.33
C ASP A 141 3.22 28.68 8.89
N VAL A 142 2.96 29.94 8.56
CA VAL A 142 2.58 30.34 7.21
C VAL A 142 3.51 31.52 6.84
N ASN A 143 4.56 31.21 6.06
CA ASN A 143 5.60 32.14 5.57
C ASN A 143 6.36 32.89 6.69
N SER A 144 6.35 32.36 7.93
CA SER A 144 6.99 33.02 9.07
C SER A 144 7.15 32.07 10.23
N VAL A 145 8.25 32.22 10.99
CA VAL A 145 8.46 31.46 12.22
C VAL A 145 7.72 32.20 13.38
N ASP A 146 7.04 33.33 13.07
CA ASP A 146 6.12 33.98 14.00
C ASP A 146 4.78 33.26 13.71
N SER A 147 4.55 32.14 14.39
CA SER A 147 3.45 31.21 14.15
C SER A 147 2.07 31.83 14.12
N VAL A 148 1.24 31.36 13.17
CA VAL A 148 -0.17 31.78 13.05
C VAL A 148 -0.87 31.31 14.34
N LYS A 149 -0.49 30.12 14.84
CA LYS A 149 -1.05 29.52 16.04
C LYS A 149 -0.05 28.56 16.69
N THR A 150 -0.09 28.47 18.01
CA THR A 150 0.77 27.55 18.78
C THR A 150 -0.05 26.85 19.84
N VAL A 151 0.50 25.77 20.36
CA VAL A 151 -0.10 25.01 21.45
C VAL A 151 1.05 24.61 22.39
N PRO A 152 0.91 24.72 23.74
CA PRO A 152 2.00 24.29 24.63
C PRO A 152 2.28 22.79 24.45
N TRP A 153 3.55 22.44 24.49
CA TRP A 153 3.99 21.07 24.31
C TRP A 153 5.24 20.89 25.19
N ASN A 154 5.80 19.69 25.26
CA ASN A 154 6.98 19.40 26.06
C ASN A 154 7.91 18.51 25.26
N SER A 155 9.12 19.01 24.93
CA SER A 155 10.10 18.19 24.21
C SER A 155 10.94 17.42 25.23
N VAL A 156 10.69 16.11 25.31
CA VAL A 156 11.38 15.22 26.25
C VAL A 156 12.65 14.69 25.58
N SER A 157 13.81 14.97 26.20
CA SER A 157 15.11 14.51 25.70
C SER A 157 15.16 12.99 25.59
N GLY A 158 15.49 12.49 24.39
CA GLY A 158 15.60 11.05 24.11
C GLY A 158 14.28 10.33 23.85
N ALA A 159 13.16 11.07 23.85
CA ALA A 159 11.85 10.47 23.61
C ALA A 159 11.52 10.39 22.13
N VAL A 160 10.95 9.25 21.70
CA VAL A 160 10.50 9.09 20.31
C VAL A 160 9.10 9.72 20.24
N VAL A 161 8.93 10.73 19.39
CA VAL A 161 7.66 11.44 19.20
C VAL A 161 7.03 11.01 17.87
N LYS A 162 5.73 10.68 17.87
CA LYS A 162 4.97 10.30 16.68
C LYS A 162 4.02 11.45 16.32
N VAL A 163 3.98 11.80 15.05
CA VAL A 163 3.11 12.85 14.55
C VAL A 163 2.25 12.32 13.39
N THR A 164 1.00 12.76 13.34
CA THR A 164 0.06 12.49 12.27
C THR A 164 -0.49 13.83 11.81
N VAL A 165 -0.45 14.07 10.51
CA VAL A 165 -0.94 15.30 9.92
C VAL A 165 -1.99 14.96 8.83
N ILE A 166 -3.13 15.65 8.88
CA ILE A 166 -4.19 15.56 7.88
C ILE A 166 -4.43 16.93 7.28
N TYR A 167 -4.33 17.03 5.95
CA TYR A 167 -4.73 18.23 5.26
C TYR A 167 -5.99 17.91 4.45
N ASP A 168 -7.12 18.51 4.82
CA ASP A 168 -8.38 18.32 4.13
C ASP A 168 -8.57 19.46 3.14
N SER A 169 -8.43 19.18 1.84
CA SER A 169 -8.48 20.22 0.81
C SER A 169 -9.80 21.04 0.79
N SER A 170 -10.98 20.39 0.98
CA SER A 170 -12.27 21.08 0.91
C SER A 170 -12.44 22.18 1.98
N THR A 171 -12.06 21.92 3.24
CA THR A 171 -12.14 22.89 4.35
C THR A 171 -10.85 23.70 4.51
N LYS A 172 -9.79 23.28 3.81
CA LYS A 172 -8.44 23.89 3.84
C LYS A 172 -7.84 23.74 5.28
N THR A 173 -8.25 22.70 6.00
CA THR A 173 -7.82 22.47 7.39
C THR A 173 -6.59 21.57 7.46
N LEU A 174 -5.56 22.10 8.12
CA LEU A 174 -4.34 21.38 8.45
C LEU A 174 -4.51 20.93 9.92
N SER A 175 -4.65 19.63 10.15
CA SER A 175 -4.83 19.09 11.51
C SER A 175 -3.61 18.24 11.91
N VAL A 176 -3.08 18.47 13.13
CA VAL A 176 -1.88 17.81 13.65
C VAL A 176 -2.16 17.10 14.99
N ALA A 177 -1.75 15.83 15.10
CA ALA A 177 -1.83 15.08 16.34
C ALA A 177 -0.43 14.59 16.71
N VAL A 178 0.02 14.96 17.91
CA VAL A 178 1.40 14.70 18.43
C VAL A 178 1.30 13.74 19.62
N THR A 179 1.90 12.55 19.49
CA THR A 179 1.87 11.50 20.52
C THR A 179 3.19 11.50 21.26
N ASN A 180 3.14 11.89 22.55
CA ASN A 180 4.29 11.98 23.45
C ASN A 180 4.65 10.64 24.12
N ASP A 181 5.77 10.64 24.89
CA ASP A 181 6.34 9.51 25.60
C ASP A 181 5.45 9.07 26.77
N ASN A 182 4.85 10.04 27.51
CA ASN A 182 3.98 9.78 28.66
C ASN A 182 2.55 9.30 28.25
N GLY A 183 2.33 9.09 26.94
CA GLY A 183 1.07 8.60 26.39
C GLY A 183 0.04 9.66 26.01
N ASP A 184 0.22 10.92 26.45
CA ASP A 184 -0.71 12.00 26.15
C ASP A 184 -0.63 12.45 24.70
N ILE A 185 -1.76 12.96 24.16
CA ILE A 185 -1.74 13.51 22.80
C ILE A 185 -1.87 15.01 22.88
N THR A 186 -1.27 15.71 21.92
CA THR A 186 -1.33 17.15 21.74
C THR A 186 -1.88 17.40 20.34
N THR A 187 -2.88 18.27 20.19
CA THR A 187 -3.37 18.55 18.85
C THR A 187 -3.33 20.04 18.55
N ILE A 188 -3.28 20.37 17.27
CA ILE A 188 -3.36 21.75 16.78
C ILE A 188 -3.90 21.69 15.36
N ALA A 189 -4.78 22.60 15.03
CA ALA A 189 -5.39 22.65 13.70
C ALA A 189 -5.56 24.09 13.26
N GLN A 190 -5.42 24.34 11.96
CA GLN A 190 -5.52 25.71 11.40
C GLN A 190 -5.96 25.65 9.94
N VAL A 191 -6.89 26.52 9.57
CA VAL A 191 -7.29 26.70 8.17
C VAL A 191 -6.12 27.44 7.48
N VAL A 192 -5.50 26.77 6.50
CA VAL A 192 -4.37 27.27 5.69
C VAL A 192 -4.71 26.97 4.23
N ASP A 193 -4.85 28.01 3.40
CA ASP A 193 -5.17 27.84 1.98
C ASP A 193 -3.87 27.62 1.22
N LEU A 194 -3.51 26.35 0.94
CA LEU A 194 -2.24 26.01 0.27
C LEU A 194 -2.20 26.55 -1.19
N LYS A 195 -3.36 26.58 -1.85
CA LYS A 195 -3.49 27.14 -3.22
C LYS A 195 -3.14 28.66 -3.24
N ALA A 196 -3.47 29.40 -2.16
CA ALA A 196 -3.17 30.83 -2.07
C ALA A 196 -1.75 31.13 -1.57
N LYS A 197 -1.16 30.23 -0.80
CA LYS A 197 0.14 30.48 -0.16
C LYS A 197 1.29 29.81 -0.87
N LEU A 198 1.01 28.78 -1.65
CA LEU A 198 2.10 28.03 -2.28
C LEU A 198 1.89 27.87 -3.79
N PRO A 199 2.97 27.59 -4.57
CA PRO A 199 2.77 27.31 -6.00
C PRO A 199 2.20 25.90 -6.19
N GLU A 200 1.85 25.58 -7.45
CA GLU A 200 1.24 24.29 -7.82
C GLU A 200 2.11 23.11 -7.47
N ARG A 201 3.42 23.24 -7.68
CA ARG A 201 4.37 22.16 -7.42
C ARG A 201 5.24 22.56 -6.25
N VAL A 202 5.40 21.64 -5.28
CA VAL A 202 6.15 21.86 -4.03
C VAL A 202 7.05 20.72 -3.65
N LYS A 203 7.87 20.96 -2.63
CA LYS A 203 8.62 19.90 -2.03
C LYS A 203 8.23 19.85 -0.55
N PHE A 204 8.20 18.64 0.00
CA PHE A 204 7.89 18.40 1.41
C PHE A 204 9.17 17.97 2.08
N GLY A 205 9.32 18.31 3.35
CA GLY A 205 10.50 17.88 4.09
C GLY A 205 10.57 18.31 5.53
N PHE A 206 11.79 18.19 6.10
CA PHE A 206 12.11 18.50 7.48
C PHE A 206 13.36 19.38 7.54
N SER A 207 13.33 20.33 8.44
CA SER A 207 14.47 21.23 8.69
C SER A 207 14.69 21.37 10.19
N ALA A 208 15.94 21.56 10.61
CA ALA A 208 16.32 21.81 12.01
C ALA A 208 17.54 22.69 12.03
N SER A 209 17.71 23.44 13.11
CA SER A 209 18.85 24.32 13.23
C SER A 209 19.31 24.48 14.68
N GLY A 210 20.49 25.08 14.83
CA GLY A 210 21.10 25.39 16.11
C GLY A 210 21.81 26.71 16.00
N SER A 211 22.36 27.18 17.11
CA SER A 211 23.14 28.41 17.16
C SER A 211 24.52 28.13 17.81
N LEU A 212 25.22 29.17 18.24
CA LEU A 212 26.53 28.99 18.87
C LEU A 212 26.34 28.23 20.19
N GLY A 213 25.41 28.72 21.02
CA GLY A 213 25.10 28.11 22.30
C GLY A 213 23.92 27.15 22.36
N GLY A 214 23.12 27.09 21.28
CA GLY A 214 21.93 26.24 21.22
C GLY A 214 22.11 25.08 20.29
N ARG A 215 22.32 23.88 20.83
CA ARG A 215 22.57 22.68 20.04
C ARG A 215 21.96 21.49 20.70
N GLN A 216 21.43 20.59 19.88
CA GLN A 216 20.86 19.32 20.32
C GLN A 216 20.82 18.36 19.16
N ILE A 217 20.67 17.07 19.47
CA ILE A 217 20.53 16.04 18.45
C ILE A 217 19.08 16.14 17.90
N HIS A 218 18.94 16.30 16.56
CA HIS A 218 17.63 16.38 15.85
C HIS A 218 17.58 15.19 14.90
N LEU A 219 16.72 14.19 15.20
CA LEU A 219 16.64 12.96 14.41
C LEU A 219 15.27 12.75 13.75
N ILE A 220 15.29 12.34 12.47
CA ILE A 220 14.09 11.90 11.74
C ILE A 220 14.23 10.38 11.63
N ARG A 221 13.28 9.65 12.23
CA ARG A 221 13.31 8.18 12.30
C ARG A 221 12.51 7.48 11.20
N SER A 222 11.34 8.01 10.84
CA SER A 222 10.49 7.40 9.83
C SER A 222 9.55 8.45 9.25
N TRP A 223 9.04 8.21 8.03
CA TRP A 223 8.14 9.13 7.34
C TRP A 223 7.31 8.40 6.29
N SER A 224 5.97 8.49 6.40
CA SER A 224 5.03 7.96 5.43
C SER A 224 4.19 9.10 4.92
N PHE A 225 3.80 9.04 3.66
CA PHE A 225 3.02 10.11 3.05
C PHE A 225 2.10 9.59 1.93
N THR A 226 0.90 10.15 1.86
CA THR A 226 -0.05 9.93 0.77
C THR A 226 -0.79 11.24 0.48
N SER A 227 -0.75 11.67 -0.78
CA SER A 227 -1.52 12.81 -1.24
C SER A 227 -2.36 12.34 -2.41
N THR A 228 -3.57 12.86 -2.53
CA THR A 228 -4.48 12.54 -3.62
C THR A 228 -5.12 13.82 -4.11
N LEU A 229 -5.02 14.06 -5.42
CA LEU A 229 -5.59 15.21 -6.10
C LEU A 229 -6.66 14.71 -7.10
N ILE A 230 -7.90 15.18 -6.95
CA ILE A 230 -8.99 14.83 -7.88
C ILE A 230 -8.67 15.50 -9.24
N THR A 231 -8.64 14.70 -10.32
CA THR A 231 -8.30 15.19 -11.66
C THR A 231 -9.52 15.27 -12.58
N THR A 232 -9.53 16.26 -13.52
CA THR A 232 -10.55 16.48 -14.56
C THR A 232 -10.02 17.50 -15.58
N ALA B 1 15.77 -1.67 4.21
CA ALA B 1 15.84 -1.69 2.76
C ALA B 1 15.26 -0.41 2.11
N GLU B 2 15.70 -0.14 0.88
CA GLU B 2 15.32 1.01 0.07
C GLU B 2 14.26 0.55 -0.94
N THR B 3 13.05 1.10 -0.82
CA THR B 3 11.91 0.72 -1.66
C THR B 3 11.29 1.90 -2.40
N VAL B 4 11.02 1.66 -3.69
CA VAL B 4 10.31 2.57 -4.57
C VAL B 4 8.98 1.90 -4.88
N SER B 5 7.87 2.60 -4.62
CA SER B 5 6.56 2.05 -4.88
C SER B 5 5.62 3.12 -5.42
N PHE B 6 4.86 2.76 -6.47
CA PHE B 6 3.87 3.67 -7.06
C PHE B 6 2.73 2.89 -7.71
N ASN B 7 1.61 3.56 -7.93
CA ASN B 7 0.42 2.99 -8.53
C ASN B 7 -0.32 4.04 -9.34
N PHE B 8 -0.51 3.74 -10.62
CA PHE B 8 -1.23 4.59 -11.57
C PHE B 8 -2.44 3.87 -12.08
N ASN B 9 -3.61 4.37 -11.72
CA ASN B 9 -4.90 3.86 -12.18
C ASN B 9 -5.30 4.62 -13.44
N SER B 10 -4.72 5.82 -13.59
CA SER B 10 -4.91 6.77 -14.68
C SER B 10 -3.72 7.71 -14.70
N PHE B 11 -3.66 8.56 -15.72
CA PHE B 11 -2.57 9.49 -15.86
C PHE B 11 -3.09 10.90 -16.12
N SER B 12 -2.22 11.89 -15.93
CA SER B 12 -2.58 13.29 -16.20
C SER B 12 -1.38 14.10 -16.64
N GLU B 13 -1.64 15.09 -17.51
CA GLU B 13 -0.64 16.04 -17.96
C GLU B 13 -0.29 16.87 -16.75
N GLY B 14 0.96 17.20 -16.59
CA GLY B 14 1.28 18.03 -15.44
C GLY B 14 1.57 17.30 -14.15
N ASN B 15 1.48 15.95 -14.15
CA ASN B 15 1.88 15.14 -12.99
C ASN B 15 3.43 15.12 -12.99
N PRO B 16 4.10 15.76 -11.99
CA PRO B 16 5.58 15.76 -11.99
C PRO B 16 6.23 14.37 -11.79
N ALA B 17 5.45 13.33 -11.44
CA ALA B 17 5.96 11.97 -11.24
C ALA B 17 6.24 11.27 -12.59
N ILE B 18 5.78 11.85 -13.72
CA ILE B 18 5.95 11.27 -15.05
C ILE B 18 6.68 12.24 -15.99
N ASN B 19 7.70 11.73 -16.71
CA ASN B 19 8.42 12.43 -17.76
C ASN B 19 7.81 12.03 -19.10
N PHE B 20 7.36 13.03 -19.88
CA PHE B 20 6.80 12.78 -21.21
C PHE B 20 7.85 13.14 -22.25
N GLN B 21 8.15 12.19 -23.14
CA GLN B 21 9.12 12.35 -24.22
C GLN B 21 8.46 12.18 -25.58
N GLY B 22 8.76 13.07 -26.50
CA GLY B 22 8.24 13.01 -27.87
C GLY B 22 6.75 13.20 -28.02
N ASP B 23 6.12 12.34 -28.81
CA ASP B 23 4.73 12.50 -29.27
C ASP B 23 3.63 12.04 -28.30
N VAL B 24 3.95 11.84 -27.03
CA VAL B 24 2.99 11.38 -26.01
C VAL B 24 1.89 12.41 -25.72
N THR B 25 0.65 11.93 -25.58
CA THR B 25 -0.47 12.75 -25.10
C THR B 25 -1.25 11.97 -24.01
N VAL B 26 -2.00 12.70 -23.19
CA VAL B 26 -2.87 12.09 -22.17
C VAL B 26 -4.30 12.34 -22.67
N LEU B 27 -5.09 11.28 -22.81
CA LEU B 27 -6.47 11.34 -23.27
C LEU B 27 -7.37 11.75 -22.11
N SER B 28 -8.59 12.26 -22.42
CA SER B 28 -9.56 12.71 -21.42
C SER B 28 -9.97 11.59 -20.45
N ASN B 29 -9.86 10.31 -20.88
CA ASN B 29 -10.20 9.17 -20.03
C ASN B 29 -9.04 8.76 -19.09
N GLY B 30 -7.89 9.44 -19.16
CA GLY B 30 -6.75 9.12 -18.32
C GLY B 30 -5.67 8.23 -18.94
N ASN B 31 -5.95 7.63 -20.11
CA ASN B 31 -4.97 6.80 -20.82
C ASN B 31 -3.85 7.63 -21.40
N ILE B 32 -2.65 7.05 -21.46
CA ILE B 32 -1.51 7.66 -22.14
C ILE B 32 -1.55 7.14 -23.57
N GLN B 33 -1.50 8.04 -24.55
CA GLN B 33 -1.41 7.64 -25.95
C GLN B 33 0.02 7.95 -26.35
N LEU B 34 0.78 6.93 -26.71
CA LEU B 34 2.20 7.10 -26.96
C LEU B 34 2.55 7.69 -28.32
N THR B 35 1.88 7.28 -29.41
CA THR B 35 2.25 7.85 -30.71
C THR B 35 1.19 8.80 -31.30
N ASN B 36 1.66 9.69 -32.18
CA ASN B 36 0.85 10.65 -32.93
C ASN B 36 0.49 10.03 -34.26
N LEU B 37 -0.81 9.74 -34.47
CA LEU B 37 -1.35 9.08 -35.66
C LEU B 37 -1.14 9.86 -36.98
N ASN B 38 -0.89 11.18 -36.91
CA ASN B 38 -0.71 12.04 -38.08
C ASN B 38 0.77 12.39 -38.39
N LYS B 39 1.72 11.79 -37.64
CA LYS B 39 3.14 12.07 -37.81
C LYS B 39 3.89 10.88 -38.39
N VAL B 40 4.87 11.14 -39.29
CA VAL B 40 5.76 10.11 -39.86
C VAL B 40 6.82 9.77 -38.78
N ASN B 41 7.17 8.49 -38.64
CA ASN B 41 8.18 7.99 -37.67
C ASN B 41 7.90 8.50 -36.24
N SER B 42 6.63 8.50 -35.83
CA SER B 42 6.23 8.97 -34.52
C SER B 42 6.88 8.12 -33.41
N VAL B 43 7.38 8.78 -32.38
CA VAL B 43 7.96 8.12 -31.18
C VAL B 43 7.43 8.88 -29.98
N GLY B 44 6.91 8.13 -29.03
CA GLY B 44 6.43 8.66 -27.76
C GLY B 44 6.86 7.75 -26.64
N ARG B 45 7.33 8.34 -25.53
CA ARG B 45 7.80 7.62 -24.36
C ARG B 45 7.39 8.27 -23.06
N VAL B 46 7.09 7.44 -22.07
CA VAL B 46 6.77 7.90 -20.70
C VAL B 46 7.73 7.23 -19.73
N LEU B 47 8.30 8.02 -18.80
CA LEU B 47 9.20 7.51 -17.77
C LEU B 47 8.74 7.92 -16.39
N TYR B 48 8.99 7.05 -15.40
CA TYR B 48 8.75 7.45 -14.04
C TYR B 48 9.86 8.45 -13.73
N ALA B 49 9.49 9.68 -13.30
CA ALA B 49 10.45 10.81 -13.19
C ALA B 49 11.58 10.60 -12.18
N MET B 50 11.34 9.82 -11.13
CA MET B 50 12.37 9.58 -10.13
C MET B 50 13.30 8.45 -10.56
N PRO B 51 14.64 8.69 -10.57
CA PRO B 51 15.56 7.58 -10.86
C PRO B 51 15.41 6.49 -9.80
N VAL B 52 15.56 5.25 -10.21
CA VAL B 52 15.48 4.10 -9.33
C VAL B 52 16.90 3.49 -9.21
N ARG B 53 17.35 3.32 -7.98
CA ARG B 53 18.66 2.76 -7.71
C ARG B 53 18.48 1.26 -7.69
N ILE B 54 18.83 0.60 -8.83
CA ILE B 54 18.66 -0.83 -9.03
C ILE B 54 19.83 -1.64 -8.54
N TRP B 55 20.98 -1.00 -8.22
CA TRP B 55 22.12 -1.73 -7.65
C TRP B 55 23.08 -0.72 -7.02
N SER B 56 23.90 -1.17 -6.07
CA SER B 56 24.81 -0.30 -5.34
C SER B 56 26.26 -0.75 -5.52
N SER B 57 27.13 0.15 -6.04
CA SER B 57 28.55 -0.10 -6.25
C SER B 57 29.29 -0.30 -4.92
N ALA B 58 28.68 0.17 -3.81
CA ALA B 58 29.24 0.05 -2.47
C ALA B 58 29.05 -1.36 -1.91
N THR B 59 27.82 -1.93 -1.96
CA THR B 59 27.51 -3.24 -1.40
C THR B 59 27.56 -4.40 -2.42
N GLY B 60 27.40 -4.09 -3.70
CA GLY B 60 27.30 -5.09 -4.75
C GLY B 60 25.88 -5.65 -4.90
N ASN B 61 24.96 -5.26 -3.99
CA ASN B 61 23.55 -5.73 -3.99
C ASN B 61 22.76 -5.18 -5.20
N VAL B 62 21.79 -5.99 -5.72
CA VAL B 62 20.92 -5.65 -6.86
C VAL B 62 19.44 -5.72 -6.38
N ALA B 63 18.62 -4.77 -6.81
CA ALA B 63 17.21 -4.74 -6.44
C ALA B 63 16.40 -5.82 -7.14
N SER B 64 15.34 -6.25 -6.48
CA SER B 64 14.31 -7.09 -7.05
C SER B 64 13.15 -6.15 -7.35
N PHE B 65 12.27 -6.50 -8.28
CA PHE B 65 11.11 -5.68 -8.55
C PHE B 65 9.92 -6.53 -9.02
N LEU B 66 8.73 -5.99 -8.78
CA LEU B 66 7.45 -6.50 -9.22
C LEU B 66 6.70 -5.35 -9.87
N THR B 67 6.26 -5.55 -11.11
CA THR B 67 5.54 -4.50 -11.82
C THR B 67 4.42 -5.10 -12.65
N SER B 68 3.29 -4.41 -12.67
CA SER B 68 2.15 -4.79 -13.50
C SER B 68 1.67 -3.56 -14.27
N PHE B 69 1.21 -3.80 -15.49
CA PHE B 69 0.70 -2.73 -16.32
C PHE B 69 -0.31 -3.29 -17.30
N SER B 70 -1.17 -2.40 -17.80
CA SER B 70 -2.16 -2.76 -18.81
C SER B 70 -2.06 -1.79 -20.00
N PHE B 71 -2.18 -2.35 -21.16
CA PHE B 71 -2.10 -1.58 -22.40
C PHE B 71 -3.13 -2.05 -23.40
N GLU B 72 -3.27 -1.26 -24.45
CA GLU B 72 -4.16 -1.52 -25.57
C GLU B 72 -3.54 -1.00 -26.86
N MET B 73 -3.58 -1.84 -27.91
CA MET B 73 -3.20 -1.43 -29.26
C MET B 73 -4.44 -1.59 -30.12
N LYS B 74 -4.74 -0.57 -30.94
CA LYS B 74 -5.94 -0.58 -31.78
C LYS B 74 -5.61 -0.12 -33.19
N ASP B 75 -6.08 -0.88 -34.20
CA ASP B 75 -5.88 -0.57 -35.63
C ASP B 75 -6.52 0.74 -36.00
N ILE B 76 -5.90 1.45 -36.97
CA ILE B 76 -6.47 2.66 -37.56
C ILE B 76 -6.57 2.40 -39.05
N LYS B 77 -7.58 2.99 -39.70
CA LYS B 77 -7.83 2.85 -41.14
C LYS B 77 -6.59 3.21 -41.97
N ASP B 78 -6.38 2.46 -43.08
CA ASP B 78 -5.36 2.65 -44.13
C ASP B 78 -3.92 2.31 -43.73
N TYR B 79 -3.51 2.60 -42.50
CA TYR B 79 -2.13 2.31 -42.10
C TYR B 79 -1.97 0.88 -41.58
N ASP B 80 -0.76 0.30 -41.73
CA ASP B 80 -0.43 -1.00 -41.18
C ASP B 80 -0.38 -0.93 -39.65
N PRO B 81 -1.09 -1.81 -38.90
CA PRO B 81 -1.01 -1.75 -37.42
C PRO B 81 0.40 -2.08 -36.92
N ALA B 82 1.17 -1.03 -36.67
CA ALA B 82 2.58 -1.12 -36.32
C ALA B 82 3.00 0.11 -35.47
N ASP B 83 4.12 0.06 -34.69
CA ASP B 83 5.10 -1.04 -34.60
C ASP B 83 5.11 -1.83 -33.25
N GLY B 84 4.43 -1.32 -32.24
CA GLY B 84 4.34 -1.99 -30.95
C GLY B 84 4.80 -1.14 -29.76
N ILE B 85 4.74 -1.75 -28.57
CA ILE B 85 5.10 -1.10 -27.30
C ILE B 85 6.26 -1.85 -26.65
N ILE B 86 7.16 -1.11 -25.98
CA ILE B 86 8.26 -1.72 -25.21
C ILE B 86 8.26 -1.13 -23.78
N PHE B 87 8.24 -2.02 -22.77
CA PHE B 87 8.42 -1.67 -21.37
C PHE B 87 9.92 -1.71 -21.18
N PHE B 88 10.54 -0.59 -20.86
CA PHE B 88 12.00 -0.59 -20.82
C PHE B 88 12.61 0.04 -19.56
N ILE B 89 13.91 -0.22 -19.41
CA ILE B 89 14.78 0.24 -18.35
C ILE B 89 16.02 0.80 -19.00
N ALA B 90 16.44 1.98 -18.60
CA ALA B 90 17.59 2.64 -19.26
C ALA B 90 18.31 3.61 -18.29
N PRO B 91 19.54 4.10 -18.62
CA PRO B 91 20.20 5.06 -17.72
C PRO B 91 19.32 6.28 -17.46
N GLU B 92 19.44 6.88 -16.29
CA GLU B 92 18.58 8.01 -15.92
C GLU B 92 18.55 9.20 -16.95
N ASP B 93 19.61 9.40 -17.75
CA ASP B 93 19.72 10.47 -18.75
C ASP B 93 19.03 10.13 -20.10
N THR B 94 18.35 8.97 -20.19
CA THR B 94 17.76 8.43 -21.43
C THR B 94 16.84 9.43 -22.13
N GLN B 95 17.03 9.55 -23.42
CA GLN B 95 16.21 10.36 -24.31
C GLN B 95 15.92 9.54 -25.54
N ILE B 96 14.86 9.92 -26.30
CA ILE B 96 14.57 9.28 -27.59
C ILE B 96 15.86 9.41 -28.43
N PRO B 97 16.38 8.32 -29.04
CA PRO B 97 17.62 8.44 -29.85
C PRO B 97 17.52 9.58 -30.86
N ALA B 98 18.58 10.40 -30.97
CA ALA B 98 18.61 11.52 -31.92
C ALA B 98 18.50 11.01 -33.36
N GLY B 99 17.58 11.62 -34.12
CA GLY B 99 17.29 11.26 -35.50
C GLY B 99 16.60 9.91 -35.61
N SER B 100 15.85 9.50 -34.54
CA SER B 100 15.12 8.24 -34.50
C SER B 100 14.23 8.04 -35.73
N ILE B 101 14.27 6.84 -36.31
CA ILE B 101 13.44 6.52 -37.47
C ILE B 101 12.09 5.89 -36.98
N GLY B 102 11.93 5.76 -35.65
CA GLY B 102 10.76 5.11 -35.08
C GLY B 102 10.64 3.70 -35.61
N GLY B 103 9.48 3.33 -36.13
CA GLY B 103 9.29 1.99 -36.72
C GLY B 103 9.72 0.86 -35.81
N GLY B 104 10.48 -0.08 -36.37
CA GLY B 104 10.98 -1.27 -35.68
C GLY B 104 11.94 -1.01 -34.53
N THR B 105 12.46 0.25 -34.42
CA THR B 105 13.37 0.64 -33.34
C THR B 105 12.62 0.75 -31.99
N LEU B 106 11.27 0.84 -32.04
CA LEU B 106 10.36 0.95 -30.91
C LEU B 106 10.70 2.18 -30.02
N GLY B 107 11.37 3.17 -30.62
CA GLY B 107 11.78 4.40 -29.94
C GLY B 107 12.91 4.26 -28.91
N VAL B 108 13.60 3.12 -28.87
CA VAL B 108 14.65 2.88 -27.88
C VAL B 108 16.03 2.64 -28.51
N SER B 109 16.07 2.43 -29.82
CA SER B 109 17.34 2.08 -30.45
C SER B 109 17.66 2.94 -31.69
N ASP B 110 18.89 2.75 -32.21
CA ASP B 110 19.34 3.43 -33.43
C ASP B 110 18.83 2.63 -34.64
N THR B 111 19.16 3.06 -35.88
CA THR B 111 18.73 2.41 -37.12
C THR B 111 19.21 0.94 -37.18
N LYS B 112 20.42 0.65 -36.64
CA LYS B 112 20.96 -0.72 -36.61
C LYS B 112 20.26 -1.60 -35.56
N GLY B 113 19.42 -0.98 -34.72
CA GLY B 113 18.67 -1.69 -33.67
C GLY B 113 19.36 -1.76 -32.33
N ALA B 114 20.46 -1.01 -32.17
CA ALA B 114 21.25 -1.01 -30.93
C ALA B 114 20.92 0.19 -30.04
N GLY B 115 21.02 -0.03 -28.72
CA GLY B 115 20.77 1.01 -27.74
C GLY B 115 21.29 0.60 -26.36
N HIS B 116 21.12 1.46 -25.38
CA HIS B 116 21.52 1.16 -24.00
C HIS B 116 20.24 1.02 -23.16
N PHE B 117 19.72 -0.21 -23.08
CA PHE B 117 18.46 -0.47 -22.38
C PHE B 117 18.20 -1.96 -22.20
N VAL B 118 17.26 -2.28 -21.29
CA VAL B 118 16.76 -3.65 -21.08
C VAL B 118 15.26 -3.49 -21.21
N GLY B 119 14.62 -4.38 -21.95
CA GLY B 119 13.19 -4.22 -22.13
C GLY B 119 12.40 -5.47 -22.48
N VAL B 120 11.08 -5.34 -22.35
CA VAL B 120 10.11 -6.37 -22.70
C VAL B 120 9.25 -5.74 -23.82
N GLU B 121 9.33 -6.28 -25.04
CA GLU B 121 8.61 -5.70 -26.18
C GLU B 121 7.39 -6.51 -26.58
N PHE B 122 6.37 -5.80 -27.01
CA PHE B 122 5.10 -6.30 -27.53
C PHE B 122 5.06 -5.86 -28.97
N ASP B 123 5.65 -6.71 -29.83
CA ASP B 123 5.96 -6.39 -31.21
C ASP B 123 4.90 -6.88 -32.22
N THR B 124 4.34 -5.92 -33.00
CA THR B 124 3.24 -6.17 -33.94
C THR B 124 3.60 -6.05 -35.44
N TYR B 125 4.91 -5.96 -35.76
CA TYR B 125 5.38 -5.93 -37.15
C TYR B 125 6.74 -6.66 -37.28
N SER B 126 6.85 -7.58 -38.26
CA SER B 126 8.07 -8.35 -38.46
C SER B 126 9.10 -7.57 -39.29
N ASN B 127 10.12 -7.01 -38.61
CA ASN B 127 11.27 -6.30 -39.19
C ASN B 127 12.40 -7.29 -39.45
N SER B 128 12.63 -7.71 -40.73
CA SER B 128 13.70 -8.69 -41.06
C SER B 128 15.09 -8.15 -40.69
N GLU B 129 15.26 -6.81 -40.73
CA GLU B 129 16.50 -6.12 -40.38
C GLU B 129 16.87 -6.30 -38.88
N TYR B 130 15.89 -6.68 -38.03
CA TYR B 130 16.14 -6.93 -36.60
C TYR B 130 15.92 -8.41 -36.25
N ASN B 131 15.89 -9.28 -37.29
CA ASN B 131 15.69 -10.74 -37.17
C ASN B 131 14.43 -11.08 -36.40
N ASP B 132 13.35 -10.28 -36.58
CA ASP B 132 12.07 -10.52 -35.92
C ASP B 132 11.49 -11.87 -36.32
N PRO B 133 10.79 -12.59 -35.41
CA PRO B 133 10.09 -13.81 -35.86
C PRO B 133 8.97 -13.44 -36.87
N PRO B 134 8.38 -14.39 -37.61
CA PRO B 134 7.40 -14.01 -38.65
C PRO B 134 6.05 -13.49 -38.12
N THR B 135 5.67 -13.80 -36.86
CA THR B 135 4.38 -13.37 -36.27
C THR B 135 4.57 -12.36 -35.13
N ASP B 136 3.45 -11.82 -34.60
CA ASP B 136 3.45 -10.96 -33.41
C ASP B 136 4.13 -11.74 -32.27
N HIS B 137 4.89 -11.05 -31.42
CA HIS B 137 5.65 -11.71 -30.37
C HIS B 137 5.95 -10.80 -29.20
N VAL B 138 6.29 -11.45 -28.09
CA VAL B 138 6.79 -10.81 -26.88
C VAL B 138 8.27 -11.13 -26.90
N GLY B 139 9.09 -10.14 -26.68
CA GLY B 139 10.51 -10.37 -26.71
C GLY B 139 11.20 -9.75 -25.51
N ILE B 140 12.33 -10.36 -25.12
CA ILE B 140 13.17 -9.84 -24.05
C ILE B 140 14.38 -9.25 -24.78
N ASP B 141 14.61 -7.96 -24.55
CA ASP B 141 15.63 -7.14 -25.22
C ASP B 141 16.73 -6.67 -24.30
N VAL B 142 17.97 -6.88 -24.73
CA VAL B 142 19.14 -6.46 -23.97
C VAL B 142 20.03 -5.67 -24.95
N ASN B 143 19.98 -4.33 -24.85
CA ASN B 143 20.71 -3.36 -25.68
C ASN B 143 20.45 -3.50 -27.19
N SER B 144 19.34 -4.14 -27.60
CA SER B 144 19.03 -4.35 -29.01
C SER B 144 17.57 -4.74 -29.20
N VAL B 145 16.98 -4.32 -30.32
CA VAL B 145 15.62 -4.74 -30.69
C VAL B 145 15.74 -6.10 -31.45
N ASP B 146 16.96 -6.61 -31.61
CA ASP B 146 17.20 -7.98 -32.06
C ASP B 146 17.18 -8.78 -30.73
N SER B 147 15.98 -9.20 -30.33
CA SER B 147 15.69 -9.83 -29.04
C SER B 147 16.57 -11.00 -28.68
N VAL B 148 16.98 -11.08 -27.41
CA VAL B 148 17.74 -12.21 -26.86
C VAL B 148 16.83 -13.45 -26.96
N LYS B 149 15.51 -13.25 -26.71
CA LYS B 149 14.54 -14.34 -26.77
C LYS B 149 13.16 -13.79 -27.12
N THR B 150 12.36 -14.59 -27.82
CA THR B 150 10.99 -14.20 -28.18
C THR B 150 10.07 -15.37 -27.92
N VAL B 151 8.78 -15.09 -27.87
CA VAL B 151 7.74 -16.11 -27.72
C VAL B 151 6.59 -15.65 -28.66
N PRO B 152 5.97 -16.55 -29.46
CA PRO B 152 4.84 -16.12 -30.30
C PRO B 152 3.68 -15.61 -29.44
N TRP B 153 3.03 -14.56 -29.95
CA TRP B 153 1.93 -13.91 -29.25
C TRP B 153 0.97 -13.39 -30.32
N ASN B 154 -0.16 -12.80 -29.92
CA ASN B 154 -1.14 -12.26 -30.85
C ASN B 154 -1.65 -10.95 -30.32
N SER B 155 -1.39 -9.85 -31.07
CA SER B 155 -1.89 -8.53 -30.66
C SER B 155 -3.28 -8.32 -31.24
N VAL B 156 -4.30 -8.39 -30.38
CA VAL B 156 -5.69 -8.23 -30.81
C VAL B 156 -6.08 -6.75 -30.73
N SER B 157 -6.50 -6.18 -31.87
CA SER B 157 -6.92 -4.78 -31.98
C SER B 157 -8.08 -4.48 -31.02
N GLY B 158 -7.90 -3.47 -30.17
CA GLY B 158 -8.90 -3.05 -29.20
C GLY B 158 -8.96 -3.87 -27.92
N ALA B 159 -8.10 -4.89 -27.78
CA ALA B 159 -8.09 -5.75 -26.59
C ALA B 159 -7.23 -5.14 -25.47
N VAL B 160 -7.70 -5.25 -24.23
CA VAL B 160 -6.94 -4.78 -23.06
C VAL B 160 -6.04 -5.95 -22.65
N VAL B 161 -4.73 -5.70 -22.63
CA VAL B 161 -3.72 -6.71 -22.29
C VAL B 161 -3.14 -6.41 -20.90
N LYS B 162 -3.05 -7.43 -20.04
CA LYS B 162 -2.48 -7.32 -18.70
C LYS B 162 -1.12 -8.02 -18.66
N VAL B 163 -0.13 -7.34 -18.12
CA VAL B 163 1.23 -7.87 -17.99
C VAL B 163 1.68 -7.83 -16.52
N THR B 164 2.41 -8.85 -16.10
CA THR B 164 3.05 -8.92 -14.81
C THR B 164 4.51 -9.28 -15.07
N VAL B 165 5.42 -8.53 -14.45
CA VAL B 165 6.87 -8.75 -14.57
C VAL B 165 7.49 -8.89 -13.17
N ILE B 166 8.33 -9.92 -13.01
CA ILE B 166 9.10 -10.17 -11.80
C ILE B 166 10.58 -10.21 -12.16
N TYR B 167 11.36 -9.38 -11.49
CA TYR B 167 12.79 -9.49 -11.58
C TYR B 167 13.32 -9.95 -10.23
N ASP B 168 13.93 -11.15 -10.22
CA ASP B 168 14.50 -11.74 -9.02
C ASP B 168 16.00 -11.48 -9.03
N SER B 169 16.46 -10.60 -8.17
CA SER B 169 17.88 -10.18 -8.16
C SER B 169 18.88 -11.34 -7.94
N SER B 170 18.57 -12.32 -7.03
CA SER B 170 19.50 -13.42 -6.73
C SER B 170 19.80 -14.32 -7.95
N THR B 171 18.79 -14.70 -8.74
CA THR B 171 18.96 -15.53 -9.94
C THR B 171 19.16 -14.70 -11.19
N LYS B 172 18.95 -13.37 -11.09
CA LYS B 172 19.03 -12.40 -12.20
C LYS B 172 17.95 -12.71 -13.28
N THR B 173 16.83 -13.32 -12.86
CA THR B 173 15.76 -13.72 -13.77
C THR B 173 14.70 -12.66 -13.93
N LEU B 174 14.44 -12.31 -15.20
CA LEU B 174 13.36 -11.43 -15.61
C LEU B 174 12.25 -12.34 -16.12
N SER B 175 11.12 -12.44 -15.38
CA SER B 175 9.98 -13.29 -15.76
C SER B 175 8.77 -12.44 -16.11
N VAL B 176 8.09 -12.79 -17.22
CA VAL B 176 6.97 -12.02 -17.78
C VAL B 176 5.75 -12.92 -18.00
N ALA B 177 4.59 -12.49 -17.54
CA ALA B 177 3.31 -13.18 -17.78
C ALA B 177 2.36 -12.19 -18.47
N VAL B 178 1.84 -12.59 -19.62
CA VAL B 178 0.97 -11.77 -20.50
C VAL B 178 -0.40 -12.43 -20.59
N THR B 179 -1.43 -11.71 -20.15
CA THR B 179 -2.81 -12.20 -20.12
C THR B 179 -3.55 -11.59 -21.28
N ASN B 180 -3.75 -12.47 -22.31
CA ASN B 180 -4.42 -12.32 -23.61
C ASN B 180 -5.95 -12.22 -23.48
N ASP B 181 -6.63 -11.77 -24.57
CA ASP B 181 -8.09 -11.58 -24.61
C ASP B 181 -8.84 -12.93 -24.69
N ASN B 182 -8.23 -13.96 -25.30
CA ASN B 182 -8.86 -15.29 -25.40
C ASN B 182 -8.76 -16.11 -24.05
N GLY B 183 -8.23 -15.49 -23.00
CA GLY B 183 -8.08 -16.07 -21.66
C GLY B 183 -6.77 -16.78 -21.37
N ASP B 184 -6.01 -17.13 -22.42
CA ASP B 184 -4.72 -17.81 -22.27
C ASP B 184 -3.64 -16.90 -21.70
N ILE B 185 -2.63 -17.50 -21.08
CA ILE B 185 -1.47 -16.75 -20.62
C ILE B 185 -0.29 -17.10 -21.49
N THR B 186 0.59 -16.13 -21.69
CA THR B 186 1.83 -16.27 -22.44
C THR B 186 2.94 -15.90 -21.48
N THR B 187 3.98 -16.72 -21.38
CA THR B 187 5.08 -16.36 -20.49
C THR B 187 6.40 -16.35 -21.25
N ILE B 188 7.35 -15.58 -20.75
CA ILE B 188 8.71 -15.55 -21.27
C ILE B 188 9.61 -15.16 -20.08
N ALA B 189 10.76 -15.80 -19.99
CA ALA B 189 11.71 -15.52 -18.90
C ALA B 189 13.13 -15.63 -19.42
N GLN B 190 14.03 -14.81 -18.87
CA GLN B 190 15.42 -14.75 -19.31
C GLN B 190 16.31 -14.24 -18.20
N VAL B 191 17.48 -14.88 -18.02
CA VAL B 191 18.49 -14.40 -17.08
C VAL B 191 19.13 -13.19 -17.74
N VAL B 192 19.01 -12.02 -17.09
CA VAL B 192 19.52 -10.71 -17.53
C VAL B 192 20.19 -10.09 -16.31
N ASP B 193 21.53 -9.88 -16.39
CA ASP B 193 22.26 -9.29 -15.28
C ASP B 193 22.16 -7.77 -15.39
N LEU B 194 21.26 -7.14 -14.61
CA LEU B 194 21.02 -5.69 -14.69
C LEU B 194 22.22 -4.88 -14.21
N LYS B 195 22.96 -5.41 -13.21
CA LYS B 195 24.20 -4.82 -12.67
C LYS B 195 25.28 -4.75 -13.76
N ALA B 196 25.33 -5.74 -14.70
CA ALA B 196 26.33 -5.77 -15.77
C ALA B 196 25.92 -4.96 -17.02
N LYS B 197 24.61 -4.79 -17.22
CA LYS B 197 24.10 -4.13 -18.42
C LYS B 197 23.68 -2.69 -18.19
N LEU B 198 23.39 -2.30 -16.96
CA LEU B 198 22.88 -0.95 -16.69
C LEU B 198 23.60 -0.21 -15.54
N PRO B 199 23.55 1.15 -15.51
CA PRO B 199 24.17 1.85 -14.38
C PRO B 199 23.33 1.67 -13.12
N GLU B 200 23.87 2.16 -11.99
CA GLU B 200 23.23 2.04 -10.67
C GLU B 200 21.87 2.67 -10.63
N ARG B 201 21.74 3.88 -11.19
CA ARG B 201 20.52 4.66 -11.24
C ARG B 201 19.90 4.57 -12.64
N VAL B 202 18.66 4.15 -12.69
CA VAL B 202 17.94 3.96 -13.97
C VAL B 202 16.56 4.64 -13.96
N LYS B 203 15.94 4.70 -15.15
CA LYS B 203 14.57 5.13 -15.26
C LYS B 203 13.78 4.00 -15.92
N PHE B 204 12.53 3.82 -15.47
CA PHE B 204 11.62 2.83 -16.04
C PHE B 204 10.57 3.53 -16.82
N GLY B 205 10.08 2.87 -17.85
CA GLY B 205 9.03 3.43 -18.66
C GLY B 205 8.55 2.61 -19.85
N PHE B 206 7.79 3.27 -20.73
CA PHE B 206 7.19 2.69 -21.93
C PHE B 206 7.53 3.54 -23.12
N SER B 207 7.76 2.89 -24.23
CA SER B 207 8.00 3.56 -25.52
C SER B 207 7.21 2.84 -26.63
N ALA B 208 6.80 3.60 -27.66
CA ALA B 208 6.11 3.07 -28.83
C ALA B 208 6.47 3.92 -30.02
N SER B 209 6.40 3.33 -31.21
CA SER B 209 6.73 4.05 -32.43
C SER B 209 5.92 3.58 -33.62
N GLY B 210 5.99 4.36 -34.69
CA GLY B 210 5.35 4.09 -35.96
C GLY B 210 6.27 4.55 -37.07
N SER B 211 5.84 4.32 -38.31
CA SER B 211 6.57 4.72 -39.50
C SER B 211 5.66 5.55 -40.41
N LEU B 212 6.06 5.72 -41.68
CA LEU B 212 5.21 6.45 -42.65
C LEU B 212 3.94 5.64 -42.87
N GLY B 213 4.10 4.35 -43.17
CA GLY B 213 2.99 3.44 -43.43
C GLY B 213 2.49 2.60 -42.29
N GLY B 214 3.21 2.59 -41.15
CA GLY B 214 2.88 1.76 -39.99
C GLY B 214 2.48 2.60 -38.81
N ARG B 215 1.20 2.63 -38.53
CA ARG B 215 0.64 3.45 -37.46
C ARG B 215 -0.52 2.74 -36.81
N GLN B 216 -0.63 2.88 -35.49
CA GLN B 216 -1.71 2.34 -34.69
C GLN B 216 -1.80 3.11 -33.39
N ILE B 217 -2.94 2.98 -32.72
CA ILE B 217 -3.15 3.57 -31.41
C ILE B 217 -2.37 2.69 -30.38
N HIS B 218 -1.44 3.30 -29.61
CA HIS B 218 -0.65 2.64 -28.53
C HIS B 218 -1.04 3.28 -27.22
N LEU B 219 -1.77 2.54 -26.36
CA LEU B 219 -2.27 3.10 -25.10
C LEU B 219 -1.70 2.42 -23.86
N ILE B 220 -1.32 3.21 -22.85
CA ILE B 220 -0.92 2.72 -21.51
C ILE B 220 -2.09 3.10 -20.60
N ARG B 221 -2.76 2.09 -20.03
CA ARG B 221 -3.95 2.29 -19.20
C ARG B 221 -3.68 2.37 -17.70
N SER B 222 -2.76 1.55 -17.19
CA SER B 222 -2.44 1.52 -15.77
C SER B 222 -1.03 0.96 -15.58
N TRP B 223 -0.40 1.31 -14.45
CA TRP B 223 0.95 0.86 -14.11
C TRP B 223 1.19 0.91 -12.61
N SER B 224 1.55 -0.26 -12.02
CA SER B 224 1.94 -0.36 -10.63
C SER B 224 3.36 -0.90 -10.58
N PHE B 225 4.14 -0.49 -9.58
CA PHE B 225 5.53 -0.89 -9.48
C PHE B 225 6.01 -0.90 -8.01
N THR B 226 6.88 -1.85 -7.70
CA THR B 226 7.60 -1.94 -6.42
C THR B 226 8.96 -2.55 -6.65
N SER B 227 10.00 -1.82 -6.22
CA SER B 227 11.38 -2.30 -6.22
C SER B 227 11.92 -2.18 -4.81
N THR B 228 12.73 -3.14 -4.40
CA THR B 228 13.37 -3.15 -3.09
C THR B 228 14.82 -3.53 -3.26
N LEU B 229 15.69 -2.68 -2.70
CA LEU B 229 17.14 -2.86 -2.69
C LEU B 229 17.61 -2.97 -1.25
N ILE B 230 18.27 -4.09 -0.93
CA ILE B 230 18.84 -4.35 0.39
C ILE B 230 20.03 -3.38 0.60
N THR B 231 20.00 -2.61 1.70
CA THR B 231 21.03 -1.62 2.01
C THR B 231 21.94 -2.08 3.17
N THR B 232 23.20 -1.56 3.20
CA THR B 232 24.17 -1.85 4.27
C THR B 232 23.70 -1.27 5.61
N ALA C 1 -4.64 -24.12 -27.58
CA ALA C 1 -4.05 -24.42 -26.28
C ALA C 1 -5.11 -24.75 -25.23
N GLU C 2 -4.70 -25.49 -24.20
CA GLU C 2 -5.50 -25.94 -23.08
C GLU C 2 -5.27 -25.01 -21.91
N THR C 3 -6.31 -24.27 -21.49
CA THR C 3 -6.23 -23.29 -20.41
C THR C 3 -7.19 -23.61 -19.26
N VAL C 4 -6.66 -23.50 -18.02
CA VAL C 4 -7.43 -23.60 -16.79
C VAL C 4 -7.37 -22.21 -16.17
N SER C 5 -8.54 -21.65 -15.86
CA SER C 5 -8.61 -20.33 -15.28
C SER C 5 -9.69 -20.24 -14.23
N PHE C 6 -9.36 -19.66 -13.07
CA PHE C 6 -10.33 -19.46 -11.99
C PHE C 6 -9.97 -18.24 -11.15
N ASN C 7 -10.97 -17.74 -10.41
CA ASN C 7 -10.81 -16.58 -9.54
C ASN C 7 -11.71 -16.71 -8.32
N PHE C 8 -11.10 -16.68 -7.13
CA PHE C 8 -11.79 -16.73 -5.85
C PHE C 8 -11.56 -15.43 -5.09
N ASN C 9 -12.62 -14.63 -4.94
CA ASN C 9 -12.60 -13.39 -4.17
C ASN C 9 -12.98 -13.72 -2.73
N SER C 10 -13.74 -14.80 -2.59
CA SER C 10 -14.22 -15.42 -1.36
C SER C 10 -14.34 -16.93 -1.54
N PHE C 11 -14.45 -17.64 -0.43
CA PHE C 11 -14.59 -19.09 -0.40
C PHE C 11 -15.81 -19.48 0.42
N SER C 12 -16.48 -20.57 0.03
CA SER C 12 -17.65 -21.11 0.74
C SER C 12 -17.55 -22.63 0.78
N GLU C 13 -18.04 -23.24 1.86
CA GLU C 13 -17.95 -24.68 2.10
C GLU C 13 -18.89 -25.56 1.23
N GLY C 14 -19.94 -24.99 0.65
CA GLY C 14 -20.87 -25.71 -0.21
C GLY C 14 -20.47 -25.78 -1.68
N ASN C 15 -19.43 -25.01 -2.04
CA ASN C 15 -18.90 -24.90 -3.40
C ASN C 15 -18.07 -26.15 -3.67
N PRO C 16 -18.51 -27.03 -4.61
CA PRO C 16 -17.70 -28.22 -4.93
C PRO C 16 -16.35 -27.94 -5.65
N ALA C 17 -16.03 -26.67 -6.01
CA ALA C 17 -14.76 -26.33 -6.71
C ALA C 17 -13.51 -26.43 -5.79
N ILE C 18 -13.68 -26.58 -4.45
CA ILE C 18 -12.55 -26.74 -3.52
C ILE C 18 -12.75 -27.99 -2.67
N ASN C 19 -11.67 -28.78 -2.47
CA ASN C 19 -11.65 -29.95 -1.59
C ASN C 19 -11.05 -29.47 -0.27
N PHE C 20 -11.71 -29.80 0.86
CA PHE C 20 -11.27 -29.40 2.20
C PHE C 20 -10.70 -30.63 2.95
N GLN C 21 -9.49 -30.51 3.53
CA GLN C 21 -8.84 -31.64 4.22
C GLN C 21 -8.39 -31.24 5.62
N GLY C 22 -8.61 -32.15 6.57
CA GLY C 22 -8.18 -31.97 7.95
C GLY C 22 -8.97 -31.02 8.82
N ASP C 23 -8.26 -30.08 9.48
CA ASP C 23 -8.86 -29.15 10.44
C ASP C 23 -9.33 -27.80 9.85
N VAL C 24 -9.20 -27.60 8.52
CA VAL C 24 -9.62 -26.37 7.82
C VAL C 24 -11.13 -26.05 8.00
N THR C 25 -11.44 -24.74 8.14
CA THR C 25 -12.80 -24.21 8.22
C THR C 25 -12.92 -23.00 7.29
N VAL C 26 -14.15 -22.63 6.93
CA VAL C 26 -14.41 -21.42 6.14
C VAL C 26 -15.10 -20.45 7.11
N LEU C 27 -14.51 -19.28 7.34
CA LEU C 27 -15.11 -18.32 8.28
C LEU C 27 -16.26 -17.55 7.58
N SER C 28 -17.26 -17.09 8.35
CA SER C 28 -18.43 -16.37 7.84
C SER C 28 -18.06 -15.14 6.99
N ASN C 29 -16.83 -14.60 7.17
CA ASN C 29 -16.32 -13.48 6.38
C ASN C 29 -15.80 -13.93 5.00
N GLY C 30 -15.81 -15.25 4.74
CA GLY C 30 -15.38 -15.84 3.47
C GLY C 30 -13.97 -16.36 3.40
N ASN C 31 -13.14 -16.08 4.42
CA ASN C 31 -11.76 -16.56 4.47
C ASN C 31 -11.68 -18.02 4.80
N ILE C 32 -10.62 -18.68 4.32
CA ILE C 32 -10.34 -20.07 4.67
C ILE C 32 -9.40 -20.02 5.86
N GLN C 33 -9.73 -20.70 6.96
CA GLN C 33 -8.83 -20.78 8.12
C GLN C 33 -8.27 -22.19 8.09
N LEU C 34 -6.96 -22.35 7.87
CA LEU C 34 -6.38 -23.69 7.69
C LEU C 34 -6.20 -24.48 9.00
N THR C 35 -5.80 -23.86 10.12
CA THR C 35 -5.61 -24.68 11.33
C THR C 35 -6.63 -24.38 12.45
N ASN C 36 -6.81 -25.37 13.33
CA ASN C 36 -7.68 -25.31 14.51
C ASN C 36 -6.79 -24.90 15.69
N LEU C 37 -7.05 -23.70 16.24
CA LEU C 37 -6.29 -23.08 17.33
C LEU C 37 -6.34 -23.89 18.66
N ASN C 38 -7.35 -24.78 18.84
CA ASN C 38 -7.54 -25.55 20.06
C ASN C 38 -7.07 -27.01 19.93
N LYS C 39 -6.43 -27.39 18.81
CA LYS C 39 -5.98 -28.75 18.55
C LYS C 39 -4.45 -28.86 18.53
N VAL C 40 -3.89 -29.93 19.11
CA VAL C 40 -2.45 -30.23 19.11
C VAL C 40 -2.13 -30.81 17.71
N ASN C 41 -0.99 -30.40 17.08
CA ASN C 41 -0.51 -30.83 15.74
C ASN C 41 -1.58 -30.66 14.65
N SER C 42 -2.31 -29.52 14.70
CA SER C 42 -3.36 -29.22 13.74
C SER C 42 -2.80 -29.11 12.32
N VAL C 43 -3.52 -29.70 11.34
CA VAL C 43 -3.17 -29.65 9.92
C VAL C 43 -4.47 -29.41 9.17
N GLY C 44 -4.44 -28.43 8.29
CA GLY C 44 -5.56 -28.11 7.43
C GLY C 44 -5.06 -27.77 6.04
N ARG C 45 -5.69 -28.35 5.01
CA ARG C 45 -5.30 -28.09 3.63
C ARG C 45 -6.53 -27.84 2.78
N VAL C 46 -6.33 -27.14 1.66
CA VAL C 46 -7.34 -26.80 0.66
C VAL C 46 -6.75 -27.05 -0.75
N LEU C 47 -7.54 -27.64 -1.68
CA LEU C 47 -7.11 -27.91 -3.05
C LEU C 47 -8.18 -27.52 -4.03
N TYR C 48 -7.79 -26.98 -5.21
CA TYR C 48 -8.74 -26.72 -6.29
C TYR C 48 -9.17 -28.12 -6.71
N ALA C 49 -10.49 -28.43 -6.64
CA ALA C 49 -11.03 -29.79 -6.84
C ALA C 49 -10.72 -30.41 -8.20
N MET C 50 -10.62 -29.60 -9.26
CA MET C 50 -10.37 -30.14 -10.60
C MET C 50 -8.88 -30.35 -10.83
N PRO C 51 -8.46 -31.58 -11.22
CA PRO C 51 -7.03 -31.75 -11.53
C PRO C 51 -6.66 -30.91 -12.77
N VAL C 52 -5.49 -30.29 -12.72
CA VAL C 52 -4.94 -29.45 -13.79
C VAL C 52 -3.83 -30.24 -14.47
N ARG C 53 -3.92 -30.37 -15.80
CA ARG C 53 -2.91 -31.07 -16.59
C ARG C 53 -1.75 -30.11 -16.86
N ILE C 54 -0.62 -30.32 -16.18
CA ILE C 54 0.55 -29.44 -16.28
C ILE C 54 1.56 -29.92 -17.31
N TRP C 55 1.55 -31.21 -17.72
CA TRP C 55 2.44 -31.63 -18.79
C TRP C 55 1.85 -32.83 -19.52
N SER C 56 2.37 -33.12 -20.73
CA SER C 56 1.84 -34.16 -21.61
C SER C 56 2.88 -35.22 -21.93
N SER C 57 2.50 -36.50 -21.76
CA SER C 57 3.35 -37.63 -22.11
C SER C 57 3.31 -37.84 -23.62
N ALA C 58 2.30 -37.25 -24.30
CA ALA C 58 2.18 -37.35 -25.76
C ALA C 58 3.12 -36.38 -26.48
N THR C 59 3.10 -35.09 -26.12
CA THR C 59 3.89 -34.05 -26.79
C THR C 59 5.19 -33.68 -26.06
N GLY C 60 5.26 -33.95 -24.74
CA GLY C 60 6.39 -33.54 -23.91
C GLY C 60 6.30 -32.09 -23.46
N ASN C 61 5.21 -31.40 -23.84
CA ASN C 61 4.95 -29.98 -23.51
C ASN C 61 4.59 -29.79 -22.04
N VAL C 62 5.06 -28.68 -21.46
CA VAL C 62 4.80 -28.34 -20.05
C VAL C 62 4.07 -26.98 -20.04
N ALA C 63 3.04 -26.87 -19.22
CA ALA C 63 2.26 -25.64 -19.07
C ALA C 63 3.06 -24.54 -18.38
N SER C 64 2.70 -23.29 -18.69
CA SER C 64 3.13 -22.12 -17.97
C SER C 64 1.96 -21.72 -17.10
N PHE C 65 2.20 -20.99 -16.00
CA PHE C 65 1.08 -20.53 -15.19
C PHE C 65 1.41 -19.22 -14.52
N LEU C 66 0.35 -18.46 -14.22
CA LEU C 66 0.34 -17.22 -13.45
C LEU C 66 -0.70 -17.37 -12.35
N THR C 67 -0.28 -17.18 -11.11
CA THR C 67 -1.20 -17.31 -9.99
C THR C 67 -0.90 -16.24 -8.95
N SER C 68 -1.96 -15.69 -8.38
CA SER C 68 -1.87 -14.69 -7.33
C SER C 68 -2.80 -15.09 -6.19
N PHE C 69 -2.36 -14.84 -4.98
CA PHE C 69 -3.17 -15.13 -3.80
C PHE C 69 -2.83 -14.17 -2.69
N SER C 70 -3.75 -14.04 -1.73
CA SER C 70 -3.53 -13.22 -0.55
C SER C 70 -3.84 -14.04 0.72
N PHE C 71 -2.99 -13.86 1.71
CA PHE C 71 -3.12 -14.58 2.96
C PHE C 71 -2.86 -13.64 4.15
N GLU C 72 -3.15 -14.15 5.35
CA GLU C 72 -2.92 -13.48 6.60
C GLU C 72 -2.56 -14.49 7.68
N MET C 73 -1.50 -14.18 8.45
CA MET C 73 -1.13 -14.93 9.63
C MET C 73 -1.22 -13.97 10.80
N LYS C 74 -1.85 -14.41 11.90
CA LYS C 74 -2.02 -13.56 13.07
C LYS C 74 -1.67 -14.34 14.36
N ASP C 75 -0.87 -13.70 15.24
CA ASP C 75 -0.46 -14.28 16.52
C ASP C 75 -1.64 -14.52 17.42
N ILE C 76 -1.55 -15.55 18.25
CA ILE C 76 -2.56 -15.83 19.28
C ILE C 76 -1.80 -15.87 20.62
N LYS C 77 -2.48 -15.48 21.68
CA LYS C 77 -1.95 -15.38 23.04
C LYS C 77 -1.50 -16.76 23.57
N ASP C 78 -0.34 -16.77 24.26
CA ASP C 78 0.30 -17.90 24.95
C ASP C 78 0.91 -18.98 24.01
N TYR C 79 0.83 -18.78 22.69
CA TYR C 79 1.41 -19.76 21.78
C TYR C 79 2.45 -19.13 20.89
N ASP C 80 3.44 -19.93 20.49
CA ASP C 80 4.46 -19.49 19.56
C ASP C 80 3.82 -19.31 18.18
N PRO C 81 3.99 -18.15 17.49
CA PRO C 81 3.36 -17.99 16.16
C PRO C 81 4.02 -18.91 15.15
N ALA C 82 3.41 -20.08 14.95
CA ALA C 82 3.96 -21.16 14.11
C ALA C 82 2.82 -21.99 13.49
N ASP C 83 3.04 -22.71 12.37
CA ASP C 83 4.33 -22.94 11.69
C ASP C 83 4.49 -22.27 10.33
N GLY C 84 3.38 -21.88 9.73
CA GLY C 84 3.40 -21.23 8.43
C GLY C 84 2.45 -21.84 7.42
N ILE C 85 2.41 -21.24 6.22
CA ILE C 85 1.55 -21.66 5.10
C ILE C 85 2.43 -22.09 3.93
N ILE C 86 2.00 -23.12 3.20
CA ILE C 86 2.66 -23.56 1.96
C ILE C 86 1.63 -23.61 0.80
N PHE C 87 1.95 -22.92 -0.31
CA PHE C 87 1.22 -22.99 -1.57
C PHE C 87 1.85 -24.17 -2.27
N PHE C 88 1.09 -25.25 -2.53
CA PHE C 88 1.72 -26.45 -3.08
C PHE C 88 1.01 -27.04 -4.30
N ILE C 89 1.77 -27.91 -4.98
CA ILE C 89 1.45 -28.66 -6.20
C ILE C 89 1.75 -30.12 -5.87
N ALA C 90 0.78 -31.00 -6.05
CA ALA C 90 0.98 -32.40 -5.70
C ALA C 90 0.19 -33.33 -6.61
N PRO C 91 0.51 -34.64 -6.64
CA PRO C 91 -0.33 -35.59 -7.40
C PRO C 91 -1.82 -35.47 -7.04
N GLU C 92 -2.72 -35.71 -8.00
CA GLU C 92 -4.17 -35.50 -7.78
C GLU C 92 -4.77 -36.29 -6.57
N ASP C 93 -4.15 -37.42 -6.16
CA ASP C 93 -4.61 -38.24 -5.02
C ASP C 93 -4.07 -37.76 -3.65
N THR C 94 -3.39 -36.60 -3.61
CA THR C 94 -2.74 -36.08 -2.39
C THR C 94 -3.69 -36.00 -1.16
N GLN C 95 -3.19 -36.46 -0.02
CA GLN C 95 -3.85 -36.47 1.28
C GLN C 95 -2.87 -36.03 2.34
N ILE C 96 -3.38 -35.54 3.49
CA ILE C 96 -2.51 -35.18 4.63
C ILE C 96 -1.71 -36.43 4.98
N PRO C 97 -0.35 -36.35 5.11
CA PRO C 97 0.41 -37.57 5.47
C PRO C 97 -0.16 -38.28 6.70
N ALA C 98 -0.24 -39.62 6.64
CA ALA C 98 -0.77 -40.45 7.73
C ALA C 98 0.07 -40.28 9.00
N GLY C 99 -0.62 -39.99 10.11
CA GLY C 99 -0.03 -39.75 11.42
C GLY C 99 0.83 -38.49 11.46
N SER C 100 0.41 -37.46 10.66
CA SER C 100 1.11 -36.18 10.54
C SER C 100 1.36 -35.55 11.91
N ILE C 101 2.58 -35.07 12.12
CA ILE C 101 2.95 -34.40 13.37
C ILE C 101 2.70 -32.87 13.24
N GLY C 102 2.20 -32.44 12.08
CA GLY C 102 1.99 -31.03 11.78
C GLY C 102 3.30 -30.28 11.93
N GLY C 103 3.28 -29.20 12.71
CA GLY C 103 4.50 -28.44 12.98
C GLY C 103 5.27 -28.05 11.72
N GLY C 104 6.57 -28.27 11.75
CA GLY C 104 7.49 -27.92 10.66
C GLY C 104 7.27 -28.65 9.36
N THR C 105 6.46 -29.72 9.36
CA THR C 105 6.11 -30.50 8.16
C THR C 105 5.19 -29.71 7.24
N LEU C 106 4.54 -28.64 7.79
CA LEU C 106 3.60 -27.75 7.08
C LEU C 106 2.41 -28.52 6.45
N GLY C 107 2.12 -29.72 7.00
CA GLY C 107 1.06 -30.59 6.53
C GLY C 107 1.27 -31.26 5.19
N VAL C 108 2.51 -31.19 4.63
CA VAL C 108 2.77 -31.78 3.30
C VAL C 108 3.83 -32.89 3.34
N SER C 109 4.52 -33.04 4.47
CA SER C 109 5.62 -34.02 4.53
C SER C 109 5.55 -34.95 5.74
N ASP C 110 6.45 -35.98 5.76
CA ASP C 110 6.56 -36.91 6.87
C ASP C 110 7.45 -36.28 7.95
N THR C 111 7.73 -37.01 9.05
CA THR C 111 8.55 -36.54 10.18
C THR C 111 9.97 -36.17 9.70
N LYS C 112 10.53 -36.91 8.73
CA LYS C 112 11.87 -36.63 8.18
C LYS C 112 11.86 -35.40 7.24
N GLY C 113 10.68 -34.88 6.92
CA GLY C 113 10.50 -33.71 6.07
C GLY C 113 10.35 -33.99 4.59
N ALA C 114 10.15 -35.27 4.22
CA ALA C 114 10.02 -35.70 2.83
C ALA C 114 8.55 -35.90 2.42
N GLY C 115 8.26 -35.58 1.16
CA GLY C 115 6.93 -35.74 0.58
C GLY C 115 6.95 -35.70 -0.93
N HIS C 116 5.78 -35.83 -1.57
CA HIS C 116 5.66 -35.74 -3.03
C HIS C 116 4.88 -34.45 -3.33
N PHE C 117 5.61 -33.34 -3.55
CA PHE C 117 5.04 -32.03 -3.80
C PHE C 117 6.08 -31.01 -4.26
N VAL C 118 5.61 -29.92 -4.88
CA VAL C 118 6.41 -28.75 -5.22
C VAL C 118 5.68 -27.59 -4.54
N GLY C 119 6.38 -26.76 -3.80
CA GLY C 119 5.68 -25.68 -3.11
C GLY C 119 6.50 -24.44 -2.81
N VAL C 120 5.78 -23.39 -2.43
CA VAL C 120 6.30 -22.10 -2.01
C VAL C 120 5.84 -21.94 -0.56
N GLU C 121 6.79 -21.99 0.39
CA GLU C 121 6.44 -21.91 1.82
C GLU C 121 6.69 -20.52 2.39
N PHE C 122 5.83 -20.15 3.32
CA PHE C 122 5.85 -18.90 4.09
C PHE C 122 6.02 -19.37 5.51
N ASP C 123 7.28 -19.66 5.87
CA ASP C 123 7.67 -20.32 7.11
C ASP C 123 7.95 -19.33 8.22
N THR C 124 7.30 -19.55 9.37
CA THR C 124 7.40 -18.63 10.52
C THR C 124 8.05 -19.26 11.79
N TYR C 125 8.71 -20.43 11.66
CA TYR C 125 9.39 -21.08 12.79
C TYR C 125 10.64 -21.81 12.30
N SER C 126 11.79 -21.56 12.95
CA SER C 126 13.04 -22.20 12.54
C SER C 126 13.18 -23.61 13.11
N ASN C 127 12.95 -24.62 12.23
CA ASN C 127 13.11 -26.04 12.54
C ASN C 127 14.53 -26.45 12.15
N SER C 128 15.40 -26.72 13.15
CA SER C 128 16.78 -27.14 12.89
C SER C 128 16.82 -28.51 12.18
N GLU C 129 15.81 -29.37 12.47
CA GLU C 129 15.66 -30.70 11.87
C GLU C 129 15.40 -30.65 10.34
N TYR C 130 14.96 -29.46 9.81
CA TYR C 130 14.73 -29.28 8.37
C TYR C 130 15.71 -28.25 7.78
N ASN C 131 16.79 -27.95 8.52
CA ASN C 131 17.87 -27.00 8.19
C ASN C 131 17.31 -25.62 7.83
N ASP C 132 16.26 -25.19 8.55
CA ASP C 132 15.64 -23.89 8.35
C ASP C 132 16.61 -22.74 8.62
N PRO C 133 16.53 -21.61 7.88
CA PRO C 133 17.36 -20.45 8.25
C PRO C 133 16.93 -19.89 9.63
N PRO C 134 17.72 -19.02 10.31
CA PRO C 134 17.34 -18.61 11.67
C PRO C 134 16.10 -17.70 11.79
N THR C 135 15.71 -17.00 10.71
CA THR C 135 14.55 -16.08 10.73
C THR C 135 13.39 -16.59 9.86
N ASP C 136 12.25 -15.85 9.87
CA ASP C 136 11.10 -16.10 8.99
C ASP C 136 11.61 -16.05 7.56
N HIS C 137 11.08 -16.92 6.69
CA HIS C 137 11.56 -16.99 5.32
C HIS C 137 10.52 -17.51 4.34
N VAL C 138 10.78 -17.23 3.07
CA VAL C 138 10.03 -17.79 1.96
C VAL C 138 10.96 -18.83 1.38
N GLY C 139 10.46 -20.05 1.19
CA GLY C 139 11.27 -21.11 0.62
C GLY C 139 10.60 -21.80 -0.56
N ILE C 140 11.40 -22.26 -1.54
CA ILE C 140 10.98 -23.04 -2.70
C ILE C 140 11.34 -24.50 -2.36
N ASP C 141 10.28 -25.33 -2.26
CA ASP C 141 10.32 -26.72 -1.82
C ASP C 141 10.07 -27.71 -2.96
N VAL C 142 10.96 -28.71 -3.06
CA VAL C 142 10.85 -29.77 -4.05
C VAL C 142 10.96 -31.09 -3.29
N ASN C 143 9.80 -31.72 -3.02
CA ASN C 143 9.64 -32.99 -2.31
C ASN C 143 10.23 -33.00 -0.88
N SER C 144 10.41 -31.82 -0.27
CA SER C 144 11.00 -31.71 1.06
C SER C 144 10.75 -30.34 1.65
N VAL C 145 10.59 -30.27 3.00
CA VAL C 145 10.48 -29.01 3.71
C VAL C 145 11.92 -28.52 4.03
N ASP C 146 12.96 -29.30 3.60
CA ASP C 146 14.34 -28.84 3.63
C ASP C 146 14.49 -28.15 2.27
N SER C 147 14.13 -26.87 2.23
CA SER C 147 14.02 -26.06 1.01
C SER C 147 15.22 -26.10 0.10
N VAL C 148 14.94 -26.15 -1.21
CA VAL C 148 15.98 -26.07 -2.25
C VAL C 148 16.65 -24.68 -2.12
N LYS C 149 15.84 -23.65 -1.82
CA LYS C 149 16.31 -22.28 -1.64
C LYS C 149 15.37 -21.49 -0.72
N THR C 150 15.94 -20.53 0.05
CA THR C 150 15.14 -19.67 0.92
C THR C 150 15.61 -18.23 0.75
N VAL C 151 14.79 -17.31 1.23
CA VAL C 151 15.09 -15.89 1.23
C VAL C 151 14.55 -15.33 2.56
N PRO C 152 15.31 -14.49 3.30
CA PRO C 152 14.76 -13.93 4.56
C PRO C 152 13.51 -13.12 4.29
N TRP C 153 12.56 -13.22 5.21
CA TRP C 153 11.27 -12.57 5.14
C TRP C 153 10.81 -12.22 6.57
N ASN C 154 9.69 -11.52 6.69
CA ASN C 154 9.17 -11.16 7.99
C ASN C 154 7.67 -11.34 7.96
N SER C 155 7.14 -12.26 8.78
CA SER C 155 5.69 -12.49 8.86
C SER C 155 5.12 -11.55 9.90
N VAL C 156 4.41 -10.52 9.43
CA VAL C 156 3.82 -9.50 10.30
C VAL C 156 2.42 -9.95 10.70
N SER C 157 2.21 -10.10 12.02
CA SER C 157 0.94 -10.51 12.60
C SER C 157 -0.19 -9.56 12.21
N GLY C 158 -1.25 -10.12 11.62
CA GLY C 158 -2.44 -9.38 11.19
C GLY C 158 -2.31 -8.63 9.87
N ALA C 159 -1.17 -8.76 9.20
CA ALA C 159 -0.94 -8.10 7.90
C ALA C 159 -1.49 -8.95 6.74
N VAL C 160 -2.09 -8.29 5.73
CA VAL C 160 -2.54 -8.98 4.53
C VAL C 160 -1.32 -9.01 3.59
N VAL C 161 -0.91 -10.22 3.17
CA VAL C 161 0.25 -10.43 2.30
C VAL C 161 -0.27 -10.82 0.90
N LYS C 162 0.30 -10.20 -0.15
CA LYS C 162 -0.01 -10.48 -1.54
C LYS C 162 1.15 -11.21 -2.21
N VAL C 163 0.84 -12.31 -2.90
CA VAL C 163 1.85 -13.12 -3.60
C VAL C 163 1.50 -13.26 -5.07
N THR C 164 2.51 -13.20 -5.92
CA THR C 164 2.39 -13.44 -7.33
C THR C 164 3.42 -14.51 -7.69
N VAL C 165 2.99 -15.52 -8.43
CA VAL C 165 3.86 -16.62 -8.85
C VAL C 165 3.75 -16.80 -10.37
N ILE C 166 4.91 -16.88 -11.04
CA ILE C 166 5.03 -17.14 -12.47
C ILE C 166 5.83 -18.41 -12.67
N TYR C 167 5.26 -19.37 -13.36
CA TYR C 167 6.02 -20.54 -13.80
C TYR C 167 6.18 -20.44 -15.31
N ASP C 168 7.41 -20.29 -15.79
CA ASP C 168 7.72 -20.21 -17.20
C ASP C 168 8.19 -21.59 -17.68
N SER C 169 7.36 -22.29 -18.44
CA SER C 169 7.67 -23.66 -18.84
C SER C 169 8.99 -23.83 -19.63
N SER C 170 9.34 -22.89 -20.56
CA SER C 170 10.55 -22.99 -21.40
C SER C 170 11.85 -23.00 -20.56
N THR C 171 11.97 -22.08 -19.58
CA THR C 171 13.16 -22.01 -18.71
C THR C 171 13.01 -22.90 -17.45
N LYS C 172 11.80 -23.45 -17.20
CA LYS C 172 11.41 -24.25 -16.02
C LYS C 172 11.58 -23.42 -14.73
N THR C 173 11.44 -22.06 -14.83
CA THR C 173 11.63 -21.15 -13.73
C THR C 173 10.33 -20.86 -13.00
N LEU C 174 10.37 -21.08 -11.68
CA LEU C 174 9.30 -20.74 -10.74
C LEU C 174 9.74 -19.44 -10.07
N SER C 175 9.08 -18.32 -10.41
CA SER C 175 9.41 -17.01 -9.83
C SER C 175 8.29 -16.52 -8.89
N VAL C 176 8.67 -16.03 -7.70
CA VAL C 176 7.74 -15.62 -6.63
C VAL C 176 8.02 -14.17 -6.20
N ALA C 177 6.96 -13.34 -6.10
CA ALA C 177 7.04 -11.96 -5.60
C ALA C 177 6.05 -11.83 -4.45
N VAL C 178 6.53 -11.43 -3.27
CA VAL C 178 5.71 -11.33 -2.06
C VAL C 178 5.73 -9.88 -1.60
N THR C 179 4.54 -9.28 -1.47
CA THR C 179 4.35 -7.88 -1.08
C THR C 179 3.95 -7.82 0.39
N ASN C 180 4.90 -7.29 1.19
CA ASN C 180 4.91 -7.14 2.67
C ASN C 180 4.11 -5.92 3.16
N ASP C 181 4.00 -5.79 4.48
CA ASP C 181 3.30 -4.70 5.19
C ASP C 181 4.12 -3.39 5.20
N ASN C 182 5.45 -3.49 5.36
CA ASN C 182 6.34 -2.33 5.39
C ASN C 182 6.61 -1.71 3.98
N GLY C 183 5.91 -2.22 2.96
CA GLY C 183 5.99 -1.74 1.58
C GLY C 183 7.01 -2.42 0.68
N ASP C 184 7.97 -3.13 1.27
CA ASP C 184 9.01 -3.84 0.53
C ASP C 184 8.46 -5.06 -0.22
N ILE C 185 9.15 -5.43 -1.29
CA ILE C 185 8.87 -6.65 -2.02
C ILE C 185 10.02 -7.60 -1.77
N THR C 186 9.69 -8.89 -1.70
CA THR C 186 10.62 -9.99 -1.51
C THR C 186 10.46 -10.92 -2.69
N THR C 187 11.54 -11.30 -3.34
CA THR C 187 11.42 -12.24 -4.46
C THR C 187 12.30 -13.45 -4.25
N ILE C 188 11.91 -14.56 -4.88
CA ILE C 188 12.68 -15.80 -4.87
C ILE C 188 12.33 -16.54 -6.16
N ALA C 189 13.33 -17.10 -6.82
CA ALA C 189 13.12 -17.85 -8.04
C ALA C 189 14.01 -19.08 -8.08
N GLN C 190 13.52 -20.15 -8.68
CA GLN C 190 14.26 -21.43 -8.75
C GLN C 190 13.83 -22.22 -9.97
N VAL C 191 14.81 -22.81 -10.68
CA VAL C 191 14.54 -23.71 -11.78
C VAL C 191 14.05 -25.02 -11.14
N VAL C 192 12.82 -25.43 -11.48
CA VAL C 192 12.14 -26.64 -11.00
C VAL C 192 11.51 -27.31 -12.22
N ASP C 193 11.93 -28.53 -12.55
CA ASP C 193 11.40 -29.25 -13.69
C ASP C 193 10.14 -30.01 -13.27
N LEU C 194 8.94 -29.46 -13.61
CA LEU C 194 7.66 -30.03 -13.17
C LEU C 194 7.40 -31.40 -13.77
N LYS C 195 7.86 -31.65 -15.01
CA LYS C 195 7.72 -32.95 -15.66
C LYS C 195 8.49 -34.01 -14.87
N ALA C 196 9.69 -33.67 -14.44
CA ALA C 196 10.50 -34.65 -13.74
C ALA C 196 10.01 -34.92 -12.30
N LYS C 197 9.44 -33.90 -11.65
CA LYS C 197 9.05 -33.99 -10.25
C LYS C 197 7.60 -34.29 -9.98
N LEU C 198 6.71 -34.03 -10.94
CA LEU C 198 5.28 -34.24 -10.68
C LEU C 198 4.58 -35.02 -11.80
N PRO C 199 3.40 -35.64 -11.53
CA PRO C 199 2.68 -36.31 -12.61
C PRO C 199 2.03 -35.30 -13.59
N GLU C 200 1.54 -35.83 -14.69
CA GLU C 200 0.89 -35.02 -15.75
C GLU C 200 -0.27 -34.21 -15.20
N ARG C 201 -1.08 -34.83 -14.31
CA ARG C 201 -2.23 -34.22 -13.65
C ARG C 201 -1.92 -33.99 -12.18
N VAL C 202 -2.12 -32.73 -11.73
CA VAL C 202 -1.83 -32.34 -10.34
C VAL C 202 -2.98 -31.57 -9.75
N LYS C 203 -2.93 -31.41 -8.44
CA LYS C 203 -3.84 -30.52 -7.76
C LYS C 203 -3.01 -29.39 -7.16
N PHE C 204 -3.60 -28.17 -7.16
CA PHE C 204 -2.96 -27.00 -6.58
C PHE C 204 -3.70 -26.67 -5.31
N GLY C 205 -2.99 -26.16 -4.32
CA GLY C 205 -3.62 -25.73 -3.08
C GLY C 205 -2.75 -25.10 -2.03
N PHE C 206 -3.29 -25.04 -0.79
CA PHE C 206 -2.65 -24.44 0.38
C PHE C 206 -2.73 -25.37 1.58
N SER C 207 -1.66 -25.40 2.38
CA SER C 207 -1.59 -26.20 3.60
C SER C 207 -0.95 -25.36 4.72
N ALA C 208 -1.32 -25.64 5.97
CA ALA C 208 -0.74 -25.01 7.16
C ALA C 208 -0.85 -25.98 8.31
N SER C 209 0.03 -25.81 9.30
CA SER C 209 0.06 -26.68 10.46
C SER C 209 0.56 -25.94 11.71
N GLY C 210 0.35 -26.60 12.84
CA GLY C 210 0.77 -26.16 14.17
C GLY C 210 1.24 -27.35 14.98
N SER C 211 1.66 -27.11 16.22
CA SER C 211 2.12 -28.14 17.14
C SER C 211 1.40 -27.99 18.49
N LEU C 212 1.94 -28.56 19.58
CA LEU C 212 1.35 -28.39 20.90
C LEU C 212 1.51 -26.93 21.37
N GLY C 213 2.74 -26.41 21.26
CA GLY C 213 3.11 -25.05 21.66
C GLY C 213 3.20 -24.01 20.55
N GLY C 214 3.12 -24.44 19.29
CA GLY C 214 3.20 -23.57 18.12
C GLY C 214 1.89 -23.45 17.38
N ARG C 215 1.17 -22.34 17.56
CA ARG C 215 -0.14 -22.13 16.93
C ARG C 215 -0.33 -20.69 16.56
N GLN C 216 -1.01 -20.46 15.44
CA GLN C 216 -1.35 -19.12 14.95
C GLN C 216 -2.52 -19.23 13.98
N ILE C 217 -3.16 -18.10 13.72
CA ILE C 217 -4.26 -18.02 12.75
C ILE C 217 -3.61 -18.02 11.34
N HIS C 218 -4.00 -19.00 10.48
CA HIS C 218 -3.51 -19.12 9.09
C HIS C 218 -4.71 -18.93 8.16
N LEU C 219 -4.78 -17.79 7.44
CA LEU C 219 -5.92 -17.48 6.58
C LEU C 219 -5.59 -17.34 5.09
N ILE C 220 -6.46 -17.88 4.21
CA ILE C 220 -6.39 -17.68 2.75
C ILE C 220 -7.56 -16.79 2.41
N ARG C 221 -7.27 -15.60 1.86
CA ARG C 221 -8.28 -14.57 1.57
C ARG C 221 -8.79 -14.57 0.14
N SER C 222 -7.90 -14.78 -0.85
CA SER C 222 -8.25 -14.76 -2.27
C SER C 222 -7.24 -15.56 -3.07
N TRP C 223 -7.63 -16.00 -4.26
CA TRP C 223 -6.79 -16.81 -5.14
C TRP C 223 -7.26 -16.76 -6.58
N SER C 224 -6.36 -16.35 -7.49
CA SER C 224 -6.62 -16.34 -8.93
C SER C 224 -5.56 -17.20 -9.59
N PHE C 225 -5.93 -17.86 -10.68
CA PHE C 225 -5.01 -18.78 -11.37
C PHE C 225 -5.32 -18.89 -12.85
N THR C 226 -4.26 -18.99 -13.67
CA THR C 226 -4.33 -19.25 -15.10
C THR C 226 -3.14 -20.08 -15.51
N SER C 227 -3.41 -21.23 -16.12
CA SER C 227 -2.40 -22.09 -16.70
C SER C 227 -2.75 -22.29 -18.15
N THR C 228 -1.73 -22.36 -19.01
CA THR C 228 -1.90 -22.65 -20.42
C THR C 228 -0.88 -23.68 -20.85
N LEU C 229 -1.37 -24.77 -21.40
CA LEU C 229 -0.58 -25.87 -21.97
C LEU C 229 -0.79 -25.89 -23.52
N ILE C 230 0.33 -25.84 -24.28
CA ILE C 230 0.32 -25.90 -25.75
C ILE C 230 0.00 -27.36 -26.14
N THR C 231 -1.06 -27.55 -26.95
CA THR C 231 -1.53 -28.89 -27.37
C THR C 231 -1.07 -29.20 -28.82
N THR C 232 -0.44 -28.22 -29.51
CA THR C 232 0.15 -28.43 -30.84
C THR C 232 1.68 -28.60 -30.71
N ALA D 1 -3.36 16.52 33.02
CA ALA D 1 -3.97 15.92 31.82
C ALA D 1 -4.45 14.50 32.08
N GLU D 2 -5.73 14.25 31.74
CA GLU D 2 -6.40 12.96 31.88
C GLU D 2 -6.46 12.27 30.51
N THR D 3 -5.74 11.15 30.36
CA THR D 3 -5.61 10.42 29.11
C THR D 3 -6.22 9.01 29.15
N VAL D 4 -6.95 8.66 28.08
CA VAL D 4 -7.48 7.33 27.82
C VAL D 4 -6.74 6.81 26.60
N SER D 5 -6.11 5.64 26.73
CA SER D 5 -5.35 5.07 25.64
C SER D 5 -5.53 3.57 25.57
N PHE D 6 -5.74 3.04 24.36
CA PHE D 6 -5.88 1.61 24.13
C PHE D 6 -5.47 1.22 22.72
N ASN D 7 -5.20 -0.07 22.53
CA ASN D 7 -4.80 -0.64 21.25
C ASN D 7 -5.36 -2.07 21.13
N PHE D 8 -6.13 -2.31 20.07
CA PHE D 8 -6.68 -3.63 19.73
C PHE D 8 -6.11 -4.06 18.39
N ASN D 9 -5.26 -5.11 18.41
CA ASN D 9 -4.70 -5.72 17.20
C ASN D 9 -5.64 -6.82 16.74
N SER D 10 -6.46 -7.32 17.66
CA SER D 10 -7.48 -8.37 17.51
C SER D 10 -8.48 -8.23 18.63
N PHE D 11 -9.56 -9.01 18.57
CA PHE D 11 -10.62 -8.97 19.57
C PHE D 11 -10.96 -10.37 20.07
N SER D 12 -11.63 -10.47 21.23
CA SER D 12 -12.04 -11.76 21.79
C SER D 12 -13.32 -11.65 22.58
N GLU D 13 -14.12 -12.73 22.54
CA GLU D 13 -15.41 -12.88 23.21
C GLU D 13 -15.33 -12.77 24.72
N GLY D 14 -14.33 -13.37 25.34
CA GLY D 14 -14.16 -13.35 26.79
C GLY D 14 -13.36 -12.17 27.32
N ASN D 15 -13.59 -10.95 26.76
CA ASN D 15 -12.89 -9.75 27.21
C ASN D 15 -13.92 -8.71 27.70
N PRO D 16 -13.98 -8.40 29.01
CA PRO D 16 -14.95 -7.40 29.49
C PRO D 16 -14.63 -5.95 29.04
N ALA D 17 -13.50 -5.73 28.32
CA ALA D 17 -13.05 -4.42 27.83
C ALA D 17 -13.95 -3.87 26.71
N ILE D 18 -14.72 -4.74 26.02
CA ILE D 18 -15.63 -4.33 24.96
C ILE D 18 -17.06 -4.78 25.27
N ASN D 19 -18.04 -3.89 25.05
CA ASN D 19 -19.47 -4.17 25.16
C ASN D 19 -19.98 -4.64 23.81
N PHE D 20 -20.60 -5.84 23.76
CA PHE D 20 -21.13 -6.38 22.50
C PHE D 20 -22.63 -6.22 22.47
N GLN D 21 -23.15 -5.54 21.45
CA GLN D 21 -24.60 -5.25 21.35
C GLN D 21 -25.20 -5.86 20.12
N GLY D 22 -26.40 -6.45 20.28
CA GLY D 22 -27.11 -7.05 19.15
C GLY D 22 -26.47 -8.26 18.50
N ASP D 23 -26.42 -8.25 17.15
CA ASP D 23 -25.97 -9.38 16.33
C ASP D 23 -24.45 -9.56 16.17
N VAL D 24 -23.65 -8.72 16.85
CA VAL D 24 -22.20 -8.75 16.75
C VAL D 24 -21.59 -10.09 17.25
N THR D 25 -20.58 -10.61 16.51
CA THR D 25 -19.82 -11.82 16.86
C THR D 25 -18.34 -11.57 16.69
N VAL D 26 -17.49 -12.37 17.37
CA VAL D 26 -16.04 -12.35 17.19
C VAL D 26 -15.70 -13.61 16.42
N LEU D 27 -15.01 -13.46 15.29
CA LEU D 27 -14.60 -14.59 14.47
C LEU D 27 -13.32 -15.21 15.07
N SER D 28 -13.02 -16.48 14.71
CA SER D 28 -11.83 -17.17 15.25
C SER D 28 -10.54 -16.49 14.84
N ASN D 29 -10.57 -15.68 13.76
CA ASN D 29 -9.38 -14.94 13.31
C ASN D 29 -9.17 -13.62 14.12
N GLY D 30 -10.06 -13.30 15.06
CA GLY D 30 -9.95 -12.11 15.89
C GLY D 30 -10.74 -10.90 15.43
N ASN D 31 -11.32 -10.95 14.22
CA ASN D 31 -12.14 -9.85 13.68
C ASN D 31 -13.49 -9.79 14.35
N ILE D 32 -14.02 -8.57 14.48
CA ILE D 32 -15.39 -8.37 14.94
C ILE D 32 -16.28 -8.36 13.70
N GLN D 33 -17.32 -9.18 13.67
CA GLN D 33 -18.28 -9.17 12.57
C GLN D 33 -19.53 -8.52 13.14
N LEU D 34 -19.91 -7.37 12.59
CA LEU D 34 -20.99 -6.58 13.17
C LEU D 34 -22.39 -7.10 12.88
N THR D 35 -22.67 -7.59 11.65
CA THR D 35 -24.04 -8.05 11.37
C THR D 35 -24.14 -9.54 11.12
N ASN D 36 -25.35 -10.08 11.31
CA ASN D 36 -25.69 -11.48 11.06
C ASN D 36 -26.26 -11.57 9.64
N LEU D 37 -25.54 -12.26 8.74
CA LEU D 37 -25.90 -12.40 7.32
C LEU D 37 -27.24 -13.13 7.06
N ASN D 38 -27.74 -13.92 8.04
CA ASN D 38 -28.97 -14.69 7.89
C ASN D 38 -30.19 -14.05 8.60
N LYS D 39 -30.05 -12.82 9.12
CA LYS D 39 -31.11 -12.13 9.85
C LYS D 39 -31.63 -10.91 9.10
N VAL D 40 -32.96 -10.68 9.16
CA VAL D 40 -33.62 -9.50 8.59
C VAL D 40 -33.35 -8.32 9.55
N ASN D 41 -33.05 -7.12 9.00
CA ASN D 41 -32.79 -5.88 9.75
C ASN D 41 -31.73 -6.09 10.85
N SER D 42 -30.65 -6.84 10.52
CA SER D 42 -29.58 -7.12 11.46
C SER D 42 -28.87 -5.85 11.90
N VAL D 43 -28.60 -5.72 13.20
CA VAL D 43 -27.87 -4.60 13.81
C VAL D 43 -26.89 -5.19 14.81
N GLY D 44 -25.65 -4.78 14.70
CA GLY D 44 -24.60 -5.20 15.62
C GLY D 44 -23.68 -4.03 15.91
N ARG D 45 -23.32 -3.88 17.20
CA ARG D 45 -22.47 -2.80 17.65
C ARG D 45 -21.46 -3.25 18.70
N VAL D 46 -20.31 -2.57 18.72
CA VAL D 46 -19.27 -2.77 19.73
C VAL D 46 -18.93 -1.42 20.35
N LEU D 47 -18.74 -1.39 21.67
CA LEU D 47 -18.33 -0.18 22.40
C LEU D 47 -17.15 -0.47 23.28
N TYR D 48 -16.23 0.51 23.41
CA TYR D 48 -15.15 0.36 24.38
C TYR D 48 -15.88 0.48 25.73
N ALA D 49 -15.74 -0.54 26.63
CA ALA D 49 -16.56 -0.63 27.86
C ALA D 49 -16.36 0.52 28.85
N MET D 50 -15.17 1.15 28.88
CA MET D 50 -14.93 2.25 29.80
C MET D 50 -15.42 3.57 29.24
N PRO D 51 -16.28 4.32 29.98
CA PRO D 51 -16.68 5.64 29.52
C PRO D 51 -15.48 6.58 29.47
N VAL D 52 -15.44 7.45 28.44
CA VAL D 52 -14.37 8.43 28.23
C VAL D 52 -14.91 9.82 28.58
N ARG D 53 -14.24 10.51 29.52
CA ARG D 53 -14.58 11.86 29.91
C ARG D 53 -14.07 12.79 28.81
N ILE D 54 -14.98 13.25 27.92
CA ILE D 54 -14.63 14.11 26.78
C ILE D 54 -14.65 15.59 27.18
N TRP D 55 -15.31 15.92 28.29
CA TRP D 55 -15.27 17.31 28.76
C TRP D 55 -15.49 17.43 30.26
N SER D 56 -15.04 18.59 30.80
CA SER D 56 -15.13 18.91 32.21
C SER D 56 -16.23 19.92 32.47
N SER D 57 -17.05 19.63 33.46
CA SER D 57 -18.08 20.59 33.87
C SER D 57 -17.44 21.62 34.83
N ALA D 58 -16.26 21.27 35.40
CA ALA D 58 -15.53 22.15 36.32
C ALA D 58 -14.78 23.22 35.56
N THR D 59 -13.92 22.84 34.59
CA THR D 59 -13.07 23.78 33.84
C THR D 59 -13.66 24.26 32.50
N GLY D 60 -14.58 23.49 31.92
CA GLY D 60 -15.15 23.78 30.61
C GLY D 60 -14.25 23.27 29.47
N ASN D 61 -13.18 22.54 29.82
CA ASN D 61 -12.25 21.99 28.83
C ASN D 61 -12.83 20.79 28.06
N VAL D 62 -12.41 20.63 26.79
CA VAL D 62 -12.86 19.56 25.89
C VAL D 62 -11.64 18.79 25.46
N ALA D 63 -11.76 17.45 25.41
CA ALA D 63 -10.66 16.58 25.04
C ALA D 63 -10.38 16.64 23.56
N SER D 64 -9.12 16.40 23.20
CA SER D 64 -8.69 16.15 21.84
C SER D 64 -8.54 14.65 21.74
N PHE D 65 -8.63 14.08 20.54
CA PHE D 65 -8.39 12.66 20.39
C PHE D 65 -7.78 12.32 19.03
N LEU D 66 -7.06 11.21 19.00
CA LEU D 66 -6.48 10.60 17.81
C LEU D 66 -6.88 9.13 17.82
N THR D 67 -7.49 8.68 16.74
CA THR D 67 -7.91 7.29 16.67
C THR D 67 -7.71 6.76 15.26
N SER D 68 -7.29 5.50 15.19
CA SER D 68 -7.11 4.79 13.94
C SER D 68 -7.77 3.43 14.01
N PHE D 69 -8.38 3.01 12.94
CA PHE D 69 -9.03 1.70 12.88
C PHE D 69 -8.96 1.19 11.47
N SER D 70 -9.07 -0.11 11.33
CA SER D 70 -9.13 -0.73 10.04
C SER D 70 -10.38 -1.58 10.02
N PHE D 71 -11.04 -1.64 8.86
CA PHE D 71 -12.27 -2.42 8.63
C PHE D 71 -12.27 -3.04 7.23
N GLU D 72 -13.24 -3.93 7.00
CA GLU D 72 -13.46 -4.59 5.73
C GLU D 72 -14.95 -4.81 5.52
N MET D 73 -15.44 -4.48 4.31
CA MET D 73 -16.79 -4.78 3.85
C MET D 73 -16.67 -5.69 2.65
N LYS D 74 -17.43 -6.80 2.65
CA LYS D 74 -17.35 -7.78 1.55
C LYS D 74 -18.75 -8.17 1.09
N ASP D 75 -18.98 -8.17 -0.23
CA ASP D 75 -20.25 -8.57 -0.83
C ASP D 75 -20.57 -10.02 -0.53
N ILE D 76 -21.86 -10.33 -0.39
CA ILE D 76 -22.33 -11.70 -0.24
C ILE D 76 -23.30 -11.94 -1.40
N LYS D 77 -23.33 -13.16 -1.90
CA LYS D 77 -24.18 -13.58 -3.02
C LYS D 77 -25.67 -13.32 -2.70
N ASP D 78 -26.43 -12.85 -3.72
CA ASP D 78 -27.88 -12.60 -3.75
C ASP D 78 -28.37 -11.38 -2.89
N TYR D 79 -27.46 -10.67 -2.22
CA TYR D 79 -27.88 -9.50 -1.44
C TYR D 79 -27.21 -8.25 -1.88
N ASP D 80 -27.94 -7.14 -1.81
CA ASP D 80 -27.39 -5.83 -2.08
C ASP D 80 -26.31 -5.52 -1.04
N PRO D 81 -25.07 -5.12 -1.45
CA PRO D 81 -24.04 -4.83 -0.43
C PRO D 81 -24.42 -3.58 0.34
N ALA D 82 -25.06 -3.77 1.50
CA ALA D 82 -25.59 -2.70 2.33
C ALA D 82 -25.57 -3.11 3.84
N ASP D 83 -25.61 -2.15 4.81
CA ASP D 83 -25.79 -0.71 4.62
C ASP D 83 -24.55 0.14 4.93
N GLY D 84 -23.58 -0.43 5.61
CA GLY D 84 -22.35 0.28 5.94
C GLY D 84 -22.02 0.28 7.42
N ILE D 85 -20.88 0.89 7.75
CA ILE D 85 -20.35 0.96 9.11
C ILE D 85 -20.30 2.42 9.57
N ILE D 86 -20.61 2.65 10.85
CA ILE D 86 -20.47 3.97 11.46
C ILE D 86 -19.56 3.85 12.73
N PHE D 87 -18.52 4.70 12.78
CA PHE D 87 -17.68 4.91 13.93
C PHE D 87 -18.41 5.98 14.72
N PHE D 88 -18.88 5.65 15.93
CA PHE D 88 -19.69 6.64 16.63
C PHE D 88 -19.29 6.87 18.08
N ILE D 89 -19.83 7.99 18.60
CA ILE D 89 -19.64 8.51 19.92
C ILE D 89 -21.05 8.74 20.49
N ALA D 90 -21.38 8.18 21.65
CA ALA D 90 -22.74 8.34 22.17
C ALA D 90 -22.80 8.44 23.70
N PRO D 91 -23.96 8.78 24.35
CA PRO D 91 -24.02 8.74 25.84
C PRO D 91 -23.61 7.37 26.40
N GLU D 92 -23.13 7.28 27.67
CA GLU D 92 -22.65 5.99 28.20
C GLU D 92 -23.70 4.89 28.24
N ASP D 93 -24.98 5.28 28.36
CA ASP D 93 -26.07 4.32 28.39
C ASP D 93 -26.53 3.91 26.98
N THR D 94 -25.80 4.31 25.90
CA THR D 94 -26.24 4.00 24.54
C THR D 94 -26.58 2.51 24.27
N GLN D 95 -27.74 2.28 23.68
CA GLN D 95 -28.19 0.95 23.24
C GLN D 95 -28.72 1.04 21.81
N ILE D 96 -28.80 -0.10 21.12
CA ILE D 96 -29.42 -0.16 19.80
C ILE D 96 -30.85 0.41 19.95
N PRO D 97 -31.26 1.38 19.10
CA PRO D 97 -32.62 1.96 19.23
C PRO D 97 -33.70 0.89 19.29
N ALA D 98 -34.70 1.10 20.16
CA ALA D 98 -35.79 0.15 20.36
C ALA D 98 -36.60 -0.04 19.05
N GLY D 99 -36.76 -1.31 18.64
CA GLY D 99 -37.46 -1.71 17.42
C GLY D 99 -36.76 -1.23 16.15
N SER D 100 -35.40 -1.17 16.20
CA SER D 100 -34.56 -0.72 15.10
C SER D 100 -34.89 -1.46 13.80
N ILE D 101 -35.00 -0.70 12.71
CA ILE D 101 -35.28 -1.26 11.38
C ILE D 101 -33.94 -1.58 10.67
N GLY D 102 -32.80 -1.34 11.35
CA GLY D 102 -31.48 -1.53 10.75
C GLY D 102 -31.37 -0.71 9.48
N GLY D 103 -30.95 -1.33 8.39
CA GLY D 103 -30.85 -0.64 7.10
C GLY D 103 -30.09 0.67 7.15
N GLY D 104 -30.65 1.72 6.57
CA GLY D 104 -30.09 3.07 6.50
C GLY D 104 -29.88 3.78 7.83
N THR D 105 -30.51 3.29 8.90
CA THR D 105 -30.34 3.86 10.24
C THR D 105 -28.91 3.56 10.79
N LEU D 106 -28.17 2.59 10.16
CA LEU D 106 -26.82 2.17 10.54
C LEU D 106 -26.73 1.70 12.03
N GLY D 107 -27.87 1.33 12.59
CA GLY D 107 -27.98 0.88 13.97
C GLY D 107 -27.81 1.94 15.04
N VAL D 108 -27.80 3.24 14.67
CA VAL D 108 -27.61 4.33 15.62
C VAL D 108 -28.81 5.26 15.68
N SER D 109 -29.77 5.12 14.77
CA SER D 109 -30.89 6.07 14.74
C SER D 109 -32.27 5.38 14.65
N ASP D 110 -33.34 6.19 14.82
CA ASP D 110 -34.73 5.74 14.69
C ASP D 110 -35.10 5.72 13.19
N THR D 111 -36.36 5.36 12.87
CA THR D 111 -36.86 5.28 11.48
C THR D 111 -36.73 6.63 10.75
N LYS D 112 -36.92 7.75 11.48
CA LYS D 112 -36.80 9.10 10.92
C LYS D 112 -35.32 9.50 10.69
N GLY D 113 -34.39 8.69 11.18
CA GLY D 113 -32.96 8.93 11.04
C GLY D 113 -32.33 9.75 12.16
N ALA D 114 -33.06 9.97 13.25
CA ALA D 114 -32.58 10.74 14.39
C ALA D 114 -32.07 9.86 15.55
N GLY D 115 -31.03 10.34 16.22
CA GLY D 115 -30.45 9.68 17.39
C GLY D 115 -29.61 10.61 18.23
N HIS D 116 -28.99 10.07 19.30
CA HIS D 116 -28.09 10.84 20.14
C HIS D 116 -26.69 10.28 19.95
N PHE D 117 -25.92 10.86 19.02
CA PHE D 117 -24.58 10.40 18.68
C PHE D 117 -23.85 11.37 17.74
N VAL D 118 -22.52 11.23 17.67
CA VAL D 118 -21.67 11.93 16.72
C VAL D 118 -20.92 10.79 16.03
N GLY D 119 -20.86 10.81 14.71
CA GLY D 119 -20.20 9.71 14.02
C GLY D 119 -19.65 10.01 12.65
N VAL D 120 -18.82 9.07 12.17
CA VAL D 120 -18.21 9.05 10.85
C VAL D 120 -18.73 7.77 10.21
N GLU D 121 -19.63 7.93 9.21
CA GLU D 121 -20.23 6.79 8.51
C GLU D 121 -19.49 6.48 7.19
N PHE D 122 -19.47 5.21 6.87
CA PHE D 122 -18.90 4.57 5.67
C PHE D 122 -20.12 3.92 5.05
N ASP D 123 -20.90 4.73 4.30
CA ASP D 123 -22.22 4.37 3.83
C ASP D 123 -22.17 3.84 2.41
N THR D 124 -22.69 2.60 2.23
CA THR D 124 -22.64 1.86 0.95
C THR D 124 -24.03 1.69 0.28
N TYR D 125 -25.06 2.42 0.71
CA TYR D 125 -26.40 2.37 0.08
C TYR D 125 -27.06 3.74 0.12
N SER D 126 -27.60 4.20 -1.03
CA SER D 126 -28.22 5.53 -1.09
C SER D 126 -29.68 5.47 -0.64
N ASN D 127 -29.94 5.97 0.59
CA ASN D 127 -31.28 6.08 1.20
C ASN D 127 -31.81 7.48 0.94
N SER D 128 -32.78 7.62 0.00
CA SER D 128 -33.37 8.92 -0.32
C SER D 128 -34.07 9.53 0.91
N GLU D 129 -34.61 8.67 1.81
CA GLU D 129 -35.29 9.09 3.04
C GLU D 129 -34.33 9.82 4.02
N TYR D 130 -33.00 9.64 3.86
CA TYR D 130 -32.01 10.31 4.70
C TYR D 130 -31.14 11.29 3.89
N ASN D 131 -31.63 11.65 2.68
CA ASN D 131 -31.00 12.58 1.72
C ASN D 131 -29.56 12.18 1.42
N ASP D 132 -29.31 10.85 1.30
CA ASP D 132 -27.99 10.32 0.97
C ASP D 132 -27.55 10.79 -0.42
N PRO D 133 -26.23 11.02 -0.65
CA PRO D 133 -25.78 11.31 -2.02
C PRO D 133 -25.98 10.07 -2.92
N PRO D 134 -25.90 10.19 -4.28
CA PRO D 134 -26.19 9.01 -5.13
C PRO D 134 -25.18 7.86 -5.08
N THR D 135 -23.91 8.10 -4.65
CA THR D 135 -22.88 7.04 -4.60
C THR D 135 -22.46 6.70 -3.15
N ASP D 136 -21.55 5.70 -3.00
CA ASP D 136 -20.89 5.37 -1.72
C ASP D 136 -20.22 6.61 -1.21
N HIS D 137 -20.24 6.80 0.11
CA HIS D 137 -19.72 8.02 0.70
C HIS D 137 -19.27 7.87 2.16
N VAL D 138 -18.44 8.83 2.58
CA VAL D 138 -18.02 9.00 3.97
C VAL D 138 -18.80 10.21 4.44
N GLY D 139 -19.44 10.10 5.60
CA GLY D 139 -20.23 11.19 6.14
C GLY D 139 -19.91 11.53 7.57
N ILE D 140 -20.07 12.80 7.91
CA ILE D 140 -19.93 13.28 9.29
C ILE D 140 -21.35 13.55 9.79
N ASP D 141 -21.76 12.75 10.80
CA ASP D 141 -23.09 12.71 11.39
C ASP D 141 -23.17 13.31 12.78
N VAL D 142 -24.16 14.17 12.98
CA VAL D 142 -24.42 14.83 14.25
C VAL D 142 -25.91 14.60 14.56
N ASN D 143 -26.20 13.61 15.44
CA ASN D 143 -27.55 13.22 15.89
C ASN D 143 -28.51 12.81 14.75
N SER D 144 -27.97 12.46 13.57
CA SER D 144 -28.78 12.10 12.41
C SER D 144 -27.98 11.37 11.37
N VAL D 145 -28.62 10.42 10.66
CA VAL D 145 -27.98 9.75 9.52
C VAL D 145 -28.19 10.63 8.26
N ASP D 146 -28.86 11.80 8.40
CA ASP D 146 -28.92 12.81 7.36
C ASP D 146 -27.70 13.66 7.65
N SER D 147 -26.55 13.24 7.08
CA SER D 147 -25.22 13.79 7.32
C SER D 147 -25.10 15.30 7.22
N VAL D 148 -24.34 15.90 8.15
CA VAL D 148 -24.00 17.31 8.14
C VAL D 148 -23.17 17.57 6.85
N LYS D 149 -22.29 16.63 6.49
CA LYS D 149 -21.46 16.70 5.29
C LYS D 149 -21.07 15.30 4.81
N THR D 150 -20.90 15.14 3.49
CA THR D 150 -20.46 13.87 2.89
C THR D 150 -19.39 14.15 1.87
N VAL D 151 -18.65 13.10 1.50
CA VAL D 151 -17.63 13.15 0.47
C VAL D 151 -17.76 11.86 -0.33
N PRO D 152 -17.75 11.88 -1.68
CA PRO D 152 -17.84 10.62 -2.44
C PRO D 152 -16.67 9.68 -2.10
N TRP D 153 -16.96 8.41 -2.04
CA TRP D 153 -16.00 7.38 -1.68
C TRP D 153 -16.39 6.12 -2.47
N ASN D 154 -15.60 5.05 -2.36
CA ASN D 154 -15.87 3.80 -3.06
C ASN D 154 -15.59 2.64 -2.10
N SER D 155 -16.63 1.85 -1.76
CA SER D 155 -16.44 0.70 -0.90
C SER D 155 -16.09 -0.52 -1.76
N VAL D 156 -14.82 -0.92 -1.73
CA VAL D 156 -14.30 -2.05 -2.52
C VAL D 156 -14.49 -3.33 -1.74
N SER D 157 -15.27 -4.27 -2.30
CA SER D 157 -15.56 -5.56 -1.66
C SER D 157 -14.27 -6.35 -1.38
N GLY D 158 -14.08 -6.74 -0.12
CA GLY D 158 -12.93 -7.53 0.31
C GLY D 158 -11.66 -6.74 0.55
N ALA D 159 -11.72 -5.41 0.41
CA ALA D 159 -10.57 -4.54 0.64
C ALA D 159 -10.43 -4.15 2.11
N VAL D 160 -9.18 -4.11 2.61
CA VAL D 160 -8.93 -3.65 3.99
C VAL D 160 -8.78 -2.13 3.90
N VAL D 161 -9.62 -1.41 4.64
CA VAL D 161 -9.65 0.06 4.64
C VAL D 161 -9.06 0.57 5.97
N LYS D 162 -8.16 1.57 5.91
CA LYS D 162 -7.55 2.19 7.09
C LYS D 162 -8.11 3.60 7.24
N VAL D 163 -8.47 3.96 8.46
CA VAL D 163 -9.02 5.28 8.79
C VAL D 163 -8.21 5.90 9.92
N THR D 164 -7.99 7.23 9.83
CA THR D 164 -7.36 8.01 10.86
C THR D 164 -8.30 9.17 11.13
N VAL D 165 -8.60 9.39 12.41
CA VAL D 165 -9.47 10.50 12.84
C VAL D 165 -8.75 11.35 13.88
N ILE D 166 -8.80 12.68 13.68
CA ILE D 166 -8.26 13.66 14.60
C ILE D 166 -9.38 14.59 15.03
N TYR D 167 -9.57 14.73 16.34
CA TYR D 167 -10.48 15.73 16.87
C TYR D 167 -9.64 16.76 17.63
N ASP D 168 -9.62 17.99 17.12
CA ASP D 168 -8.87 19.09 17.73
C ASP D 168 -9.84 19.93 18.55
N SER D 169 -9.75 19.83 19.88
CA SER D 169 -10.70 20.48 20.77
C SER D 169 -10.78 22.01 20.61
N SER D 170 -9.63 22.73 20.38
CA SER D 170 -9.61 24.20 20.28
C SER D 170 -10.43 24.74 19.08
N THR D 171 -10.31 24.12 17.90
CA THR D 171 -11.05 24.55 16.70
C THR D 171 -12.38 23.80 16.57
N LYS D 172 -12.59 22.76 17.42
CA LYS D 172 -13.77 21.86 17.41
C LYS D 172 -13.86 21.11 16.06
N THR D 173 -12.69 20.82 15.44
CA THR D 173 -12.62 20.18 14.13
C THR D 173 -12.42 18.69 14.24
N LEU D 174 -13.32 17.96 13.59
CA LEU D 174 -13.25 16.52 13.39
C LEU D 174 -12.68 16.30 11.98
N SER D 175 -11.45 15.77 11.87
CA SER D 175 -10.81 15.49 10.58
C SER D 175 -10.66 13.98 10.36
N VAL D 176 -11.01 13.49 9.16
CA VAL D 176 -10.98 12.07 8.79
C VAL D 176 -10.17 11.84 7.53
N ALA D 177 -9.26 10.86 7.57
CA ALA D 177 -8.45 10.44 6.41
C ALA D 177 -8.69 8.94 6.21
N VAL D 178 -9.18 8.58 5.01
CA VAL D 178 -9.56 7.20 4.63
C VAL D 178 -8.60 6.70 3.54
N THR D 179 -7.89 5.60 3.82
CA THR D 179 -6.92 5.00 2.90
C THR D 179 -7.54 3.80 2.25
N ASN D 180 -7.84 3.93 0.94
CA ASN D 180 -8.46 2.92 0.06
C ASN D 180 -7.45 1.91 -0.53
N ASP D 181 -7.98 0.86 -1.18
CA ASP D 181 -7.19 -0.23 -1.80
C ASP D 181 -6.46 0.25 -3.05
N ASN D 182 -7.04 1.18 -3.84
CA ASN D 182 -6.39 1.70 -5.05
C ASN D 182 -5.24 2.71 -4.73
N GLY D 183 -4.95 2.91 -3.44
CA GLY D 183 -3.89 3.76 -2.92
C GLY D 183 -4.28 5.19 -2.60
N ASP D 184 -5.41 5.65 -3.11
CA ASP D 184 -5.87 7.02 -2.91
C ASP D 184 -6.30 7.28 -1.47
N ILE D 185 -6.19 8.53 -1.03
CA ILE D 185 -6.71 8.95 0.25
C ILE D 185 -7.95 9.81 0.01
N THR D 186 -8.92 9.66 0.91
CA THR D 186 -10.17 10.42 0.90
C THR D 186 -10.22 11.17 2.22
N THR D 187 -10.47 12.47 2.21
CA THR D 187 -10.55 13.20 3.49
C THR D 187 -11.88 13.93 3.60
N ILE D 188 -12.29 14.18 4.85
CA ILE D 188 -13.48 14.98 5.16
C ILE D 188 -13.23 15.56 6.55
N ALA D 189 -13.59 16.83 6.71
CA ALA D 189 -13.46 17.52 7.99
C ALA D 189 -14.66 18.43 8.22
N GLN D 190 -15.08 18.53 9.48
CA GLN D 190 -16.24 19.32 9.88
C GLN D 190 -16.09 19.82 11.31
N VAL D 191 -16.43 21.10 11.53
CA VAL D 191 -16.50 21.66 12.87
C VAL D 191 -17.74 21.03 13.54
N VAL D 192 -17.54 20.33 14.65
CA VAL D 192 -18.56 19.66 15.47
C VAL D 192 -18.23 19.97 16.94
N ASP D 193 -19.13 20.66 17.64
CA ASP D 193 -18.92 21.02 19.03
C ASP D 193 -19.35 19.84 19.92
N LEU D 194 -18.36 18.98 20.30
CA LEU D 194 -18.60 17.76 21.07
C LEU D 194 -19.19 18.05 22.43
N LYS D 195 -18.75 19.16 23.06
CA LYS D 195 -19.26 19.64 24.36
C LYS D 195 -20.74 20.00 24.32
N ALA D 196 -21.24 20.56 23.20
CA ALA D 196 -22.64 20.96 23.04
C ALA D 196 -23.55 19.80 22.62
N LYS D 197 -22.99 18.79 21.93
CA LYS D 197 -23.80 17.71 21.37
C LYS D 197 -23.77 16.43 22.21
N LEU D 198 -22.77 16.26 23.07
CA LEU D 198 -22.65 15.04 23.88
C LEU D 198 -22.50 15.28 25.40
N PRO D 199 -22.83 14.27 26.26
CA PRO D 199 -22.64 14.43 27.72
C PRO D 199 -21.16 14.31 28.15
N GLU D 200 -20.85 14.66 29.43
CA GLU D 200 -19.51 14.62 30.05
C GLU D 200 -18.71 13.34 29.73
N ARG D 201 -19.36 12.19 29.92
CA ARG D 201 -18.78 10.88 29.63
C ARG D 201 -19.55 10.23 28.51
N VAL D 202 -18.81 9.66 27.54
CA VAL D 202 -19.35 9.03 26.34
C VAL D 202 -18.74 7.66 26.12
N LYS D 203 -19.35 6.91 25.19
CA LYS D 203 -18.79 5.64 24.74
C LYS D 203 -18.48 5.75 23.28
N PHE D 204 -17.34 5.16 22.90
CA PHE D 204 -16.88 5.12 21.53
C PHE D 204 -17.10 3.73 21.01
N GLY D 205 -17.44 3.62 19.75
CA GLY D 205 -17.65 2.30 19.15
C GLY D 205 -17.87 2.29 17.65
N PHE D 206 -18.39 1.15 17.19
CA PHE D 206 -18.74 0.87 15.80
C PHE D 206 -20.11 0.21 15.74
N SER D 207 -20.87 0.55 14.73
CA SER D 207 -22.18 -0.03 14.45
C SER D 207 -22.31 -0.29 12.95
N ALA D 208 -23.10 -1.30 12.60
CA ALA D 208 -23.42 -1.66 11.23
C ALA D 208 -24.79 -2.32 11.21
N SER D 209 -25.46 -2.24 10.06
CA SER D 209 -26.79 -2.82 9.90
C SER D 209 -27.04 -3.28 8.47
N GLY D 210 -28.12 -4.04 8.33
CA GLY D 210 -28.63 -4.58 7.08
C GLY D 210 -30.14 -4.55 7.09
N SER D 211 -30.78 -4.97 6.00
CA SER D 211 -32.22 -5.04 5.89
C SER D 211 -32.63 -6.43 5.40
N LEU D 212 -33.85 -6.60 4.86
CA LEU D 212 -34.26 -7.89 4.28
C LEU D 212 -33.40 -8.21 3.04
N GLY D 213 -33.24 -7.24 2.14
CA GLY D 213 -32.46 -7.40 0.91
C GLY D 213 -31.04 -6.89 0.91
N GLY D 214 -30.72 -5.98 1.82
CA GLY D 214 -29.40 -5.36 1.91
C GLY D 214 -28.55 -5.99 2.99
N ARG D 215 -27.57 -6.80 2.61
CA ARG D 215 -26.70 -7.48 3.56
C ARG D 215 -25.31 -7.59 3.00
N GLN D 216 -24.30 -7.48 3.87
CA GLN D 216 -22.90 -7.63 3.53
C GLN D 216 -22.11 -7.93 4.79
N ILE D 217 -20.89 -8.45 4.59
CA ILE D 217 -19.93 -8.70 5.67
C ILE D 217 -19.39 -7.32 6.15
N HIS D 218 -19.58 -6.99 7.46
CA HIS D 218 -19.05 -5.76 8.08
C HIS D 218 -18.06 -6.17 9.14
N LEU D 219 -16.76 -5.97 8.89
CA LEU D 219 -15.71 -6.41 9.82
C LEU D 219 -14.87 -5.28 10.40
N ILE D 220 -14.58 -5.33 11.73
CA ILE D 220 -13.64 -4.44 12.41
C ILE D 220 -12.41 -5.29 12.71
N ARG D 221 -11.26 -4.90 12.15
CA ARG D 221 -10.01 -5.65 12.25
C ARG D 221 -9.07 -5.15 13.35
N SER D 222 -8.96 -3.83 13.54
CA SER D 222 -8.08 -3.26 14.55
C SER D 222 -8.57 -1.88 14.94
N TRP D 223 -8.17 -1.42 16.13
CA TRP D 223 -8.58 -0.10 16.65
C TRP D 223 -7.61 0.39 17.72
N SER D 224 -7.04 1.57 17.49
CA SER D 224 -6.18 2.25 18.45
C SER D 224 -6.81 3.59 18.76
N PHE D 225 -6.65 4.06 19.99
CA PHE D 225 -7.25 5.32 20.44
C PHE D 225 -6.44 5.98 21.54
N THR D 226 -6.40 7.33 21.50
CA THR D 226 -5.85 8.17 22.55
C THR D 226 -6.65 9.46 22.62
N SER D 227 -7.16 9.75 23.81
CA SER D 227 -7.80 11.02 24.12
C SER D 227 -7.09 11.65 25.29
N THR D 228 -6.97 12.98 25.28
CA THR D 228 -6.36 13.73 26.36
C THR D 228 -7.21 14.94 26.66
N LEU D 229 -7.58 15.09 27.94
CA LEU D 229 -8.34 16.21 28.47
C LEU D 229 -7.45 17.00 29.45
N ILE D 230 -7.23 18.29 29.17
CA ILE D 230 -6.40 19.18 30.03
C ILE D 230 -7.18 19.41 31.35
N THR D 231 -6.53 19.11 32.49
CA THR D 231 -7.14 19.20 33.83
C THR D 231 -6.69 20.48 34.58
N THR D 232 -5.77 21.26 34.01
CA THR D 232 -5.32 22.52 34.60
C THR D 232 -5.88 23.72 33.80
C1 QTY E . 20.26 32.35 20.64
N1 QTY E . 21.32 33.25 20.29
C2 QTY E . 19.47 31.92 19.41
N2 QTY E . 25.39 33.74 22.81
O2 QTY E . 18.92 33.07 18.79
C3 QTY E . 18.37 30.97 19.84
N3 QTY E . 24.94 30.47 25.50
O3 QTY E . 17.59 30.56 18.71
C4 QTY E . 18.93 29.77 20.59
N4 QTY E . 26.24 30.43 25.81
O4 QTY E . 19.66 28.90 19.73
C5 QTY E . 19.86 30.24 21.72
N5 QTY E . 26.87 31.18 24.92
O5 QTY E . 20.83 31.20 21.29
C6 QTY E . 20.51 29.23 22.65
N6 QTY E . 24.51 29.22 30.91
O6 QTY E . 20.84 29.78 23.92
C7 QTY E . 21.82 34.16 21.15
N7 QTY E . 24.43 30.57 31.00
O7 QTY E . 21.42 34.26 22.30
C8 QTY E . 22.89 35.09 20.59
N8 QTY E . 24.57 30.87 32.27
C9 QTY E . 24.06 35.27 21.53
N9 QTY E . 23.94 28.80 35.06
C10 QTY E . 24.93 34.04 21.61
N10 QTY E . 22.33 24.91 38.15
O10 QTY E . 25.17 33.36 20.61
C11 QTY E . 26.35 32.67 23.00
C12 QTY E . 25.96 31.73 24.08
C13 QTY E . 24.72 31.26 24.44
C14 QTY E . 23.97 29.64 26.25
C15 QTY E . 24.46 28.19 26.30
O15 QTY E . 25.24 28.07 27.51
C16 QTY E . 24.94 29.16 28.40
C17 QTY E . 24.28 28.54 29.63
C18 QTY E . 22.80 28.56 29.26
C19 QTY E . 23.87 30.00 27.73
O19 QTY E . 22.62 29.59 28.29
C20 QTY E . 24.71 28.68 32.11
C21 QTY E . 24.74 29.72 32.99
C22 QTY E . 24.87 29.74 34.48
O22 QTY E . 25.38 27.09 35.09
C23 QTY E . 24.29 27.56 35.39
C24 QTY E . 23.31 26.78 36.24
C25 QTY E . 23.37 25.29 35.97
O25 QTY E . 22.29 23.26 36.61
C26 QTY E . 22.61 24.40 36.94
C27 QTY E . 21.69 24.15 39.18
O27 QTY E . 23.72 22.92 39.62
C28 QTY E . 22.70 23.70 40.24
O28 QTY E . 22.90 22.58 42.38
C29 QTY E . 21.99 22.90 41.33
O29 QTY E . 21.22 24.73 42.72
C30 QTY E . 19.90 24.18 40.75
O30 QTY E . 20.68 24.95 39.81
C31 QTY E . 20.78 23.66 41.88
O31 QTY E . 18.25 25.89 40.16
C32 QTY E . 18.77 25.08 41.23
HN10 QTY E . 22.54 25.87 38.40
H13 QTY E . 23.76 31.45 23.97
H14 QTY E . 23.00 29.72 25.75
H16 QTY E . 25.86 29.70 28.60
H17 QTY E . 24.63 27.52 29.78
H19 QTY E . 23.95 31.07 27.93
H11 QTY E . 26.54 32.06 22.12
H11A QTY E . 27.32 33.12 23.23
H20 QTY E . 24.85 27.62 32.30
H27 QTY E . 21.24 23.24 38.78
HO27 QTY E . 23.33 22.05 39.36
H28 QTY E . 23.17 24.59 40.67
HO28 QTY E . 23.52 23.32 42.54
H29 QTY E . 21.69 21.92 40.96
HO29 QTY E . 21.59 25.48 42.19
H22 QTY E . 24.70 30.74 34.87
H32 QTY E . 19.08 25.78 41.98
H22A QTY E . 25.91 29.53 34.75
H32A QTY E . 17.98 24.48 41.67
H30 QTY E . 19.44 23.34 40.25
H31 QTY E . 20.22 23.03 42.56
HO31 QTY E . 18.59 26.81 40.27
H24 QTY E . 22.29 27.14 36.03
H24A QTY E . 23.43 27.08 37.28
H15 QTY E . 23.69 27.43 26.29
H25 QTY E . 24.40 24.94 36.02
H15A QTY E . 25.17 27.93 25.50
H25A QTY E . 23.15 25.08 34.92
H6 QTY E . 21.50 28.91 22.31
H6A QTY E . 19.90 28.33 22.72
H18 QTY E . 22.49 27.58 28.90
H8 QTY E . 23.27 34.74 19.63
H18A QTY E . 22.12 28.82 30.07
H8A QTY E . 22.45 36.06 20.38
H9 QTY E . 24.71 36.08 21.20
H9A QTY E . 23.70 35.64 22.49
H1 QTY E . 19.57 32.83 21.34
H2 QTY E . 20.12 31.43 18.70
H3 QTY E . 17.63 31.51 20.43
H4 QTY E . 18.14 29.13 20.96
H5 QTY E . 20.52 29.66 21.08
HN1 QTY E . 21.70 33.19 19.34
HN2 QTY E . 25.06 34.21 23.65
HN9 QTY E . 22.98 29.13 35.20
HO2 QTY E . 18.36 33.55 19.44
HO3 QTY E . 17.79 31.16 17.94
HO4 QTY E . 19.42 29.08 18.78
HO6 QTY E . 20.07 30.32 24.22
MN MN F . 8.05 28.93 17.88
CA CA G . 12.02 29.19 18.87
C1 QTY H . 8.46 -0.17 -42.48
N1 QTY H . 9.09 0.75 -43.37
C2 QTY H . 8.99 -0.03 -41.05
N2 QTY H . 7.70 1.47 -47.97
O2 QTY H . 10.40 -0.25 -41.05
C3 QTY H . 8.32 -1.05 -40.15
N3 QTY H . 3.41 0.45 -46.75
O3 QTY H . 8.85 -1.00 -38.83
C4 QTY H . 6.81 -0.86 -40.19
N4 QTY H . 3.89 1.58 -46.18
O4 QTY H . 6.43 0.34 -39.50
C5 QTY H . 6.31 -0.83 -41.64
N5 QTY H . 5.04 1.83 -46.74
O5 QTY H . 7.04 0.07 -42.50
C6 QTY H . 4.82 -0.73 -41.90
N6 QTY H . -1.15 -1.88 -48.98
O6 QTY H . 4.42 -1.23 -43.17
C7 QTY H . 9.24 0.50 -44.67
N7 QTY H . -0.19 -2.32 -49.83
O7 QTY H . 8.81 -0.52 -45.19
C8 QTY H . 9.91 1.59 -45.48
N8 QTY H . -0.81 -2.82 -50.87
C9 QTY H . 9.94 1.29 -46.98
N9 QTY H . -4.04 -4.10 -51.09
C10 QTY H . 8.68 0.65 -47.54
N10 QTY H . -7.80 -6.86 -49.18
O10 QTY H . 8.64 -0.57 -47.70
C11 QTY H . 6.49 0.97 -48.58
C12 QTY H . 5.31 0.89 -47.68
C13 QTY H . 4.29 -0.02 -47.65
C14 QTY H . 2.26 -0.24 -46.19
C15 QTY H . 1.10 0.59 -45.64
O15 QTY H . 0.11 0.65 -46.68
C16 QTY H . 0.38 -0.32 -47.70
C17 QTY H . -0.79 -1.29 -47.69
C18 QTY H . -0.35 -2.36 -46.70
C19 QTY H . 1.58 -1.12 -47.23
O19 QTY H . 1.08 -2.33 -46.65
C20 QTY H . -2.37 -2.10 -49.49
C21 QTY H . -2.16 -2.70 -50.71
C22 QTY H . -3.13 -3.17 -51.72
O22 QTY H . -5.62 -2.59 -50.57
C23 QTY H . -5.24 -3.75 -50.64
C24 QTY H . -6.13 -4.89 -50.22
C25 QTY H . -6.97 -4.59 -48.98
O25 QTY H . -7.71 -5.91 -47.13
C26 QTY H . -7.53 -5.84 -48.34
C27 QTY H . -8.23 -8.15 -48.74
O27 QTY H . -10.41 -7.30 -48.24
C28 QTY H . -9.73 -8.34 -48.95
O28 QTY H . -11.49 -9.98 -48.71
C29 QTY H . -10.12 -9.73 -48.46
O29 QTY H . -9.62 -11.00 -50.47
C30 QTY H . -7.77 -10.48 -48.98
O30 QTY H . -7.52 -9.15 -49.49
C31 QTY H . -9.26 -10.82 -49.10
O31 QTY H . -5.59 -10.84 -49.99
C32 QTY H . -6.86 -11.42 -49.74
HN10 QTY H . -7.78 -6.73 -50.18
H13 QTY H . 4.22 -0.97 -48.18
H14 QTY H . 2.75 -0.82 -45.41
H16 QTY H . 0.55 0.22 -48.63
H17 QTY H . -1.70 -0.81 -47.33
H19 QTY H . 2.23 -1.46 -48.04
H11 QTY H . 6.21 1.65 -49.40
H11A QTY H . 6.66 0.03 -49.12
H20 QTY H . -3.31 -1.85 -49.01
H27 QTY H . -8.02 -8.29 -47.69
HO27 QTY H . -11.12 -7.70 -47.67
H28 QTY H . -9.95 -8.23 -50.01
HO28 QTY H . -11.77 -9.59 -49.58
H29 QTY H . -10.07 -9.79 -47.37
HO29 QTY H . -9.30 -10.25 -51.03
H22 QTY H . -2.60 -3.66 -52.55
H32 QTY H . -7.24 -11.66 -50.73
H22A QTY H . -3.66 -2.35 -52.19
H32A QTY H . -6.76 -12.36 -49.21
H30 QTY H . -7.47 -10.52 -47.93
H31 QTY H . -9.46 -11.79 -48.66
HO31 QTY H . -5.17 -11.51 -50.59
H24 QTY H . -5.48 -5.75 -50.02
H24A QTY H . -6.75 -5.26 -51.03
H15 QTY H . 0.63 0.15 -44.76
H25 QTY H . -7.76 -3.91 -49.27
H15A QTY H . 1.31 1.62 -45.41
H25A QTY H . -6.49 -3.96 -48.22
H6 QTY H . 4.40 -1.43 -41.19
H6A QTY H . 4.33 0.21 -41.67
H18 QTY H . -0.79 -2.19 -45.72
H8 QTY H . 9.47 2.53 -45.19
H18A QTY H . -0.60 -3.38 -47.00
H8A QTY H . 10.97 1.74 -45.27
H9 QTY H . 10.30 2.13 -47.56
H9A QTY H . 10.73 0.54 -47.09
H1 QTY H . 8.64 -1.19 -42.80
H2 QTY H . 8.84 0.98 -40.67
H3 QTY H . 8.62 -2.06 -40.46
H4 QTY H . 6.30 -1.63 -39.61
H5 QTY H . 6.02 0.15 -41.27
HN1 QTY H . 9.43 1.63 -42.99
HN2 QTY H . 7.79 2.47 -47.97
HN9 QTY H . -3.68 -5.06 -50.99
HO2 QTY H . 10.57 -1.14 -41.46
HO3 QTY H . 9.67 -0.45 -38.82
HO4 QTY H . 7.17 0.67 -38.92
HO6 QTY H . 4.88 -2.10 -43.30
MN MN I . 10.67 -7.90 -32.27
CA CA J . 9.20 -5.33 -35.13
C1 QTY K . 8.05 -27.63 17.98
N1 QTY K . 7.90 -28.80 18.79
C2 QTY K . 7.66 -27.90 16.53
N2 QTY K . 7.01 -28.69 23.54
O2 QTY K . 8.47 -28.96 16.01
C3 QTY K . 7.85 -26.64 15.72
N3 QTY K . 6.19 -24.54 23.99
O3 QTY K . 7.51 -26.87 14.35
C4 QTY K . 7.04 -25.49 16.31
N4 QTY K . 5.58 -24.71 25.19
O4 QTY K . 5.64 -25.67 16.08
C5 QTY K . 7.32 -25.34 17.80
N5 QTY K . 5.40 -26.00 25.35
O5 QTY K . 7.24 -26.59 18.52
C6 QTY K . 6.67 -24.23 18.60
N6 QTY K . 7.96 -19.97 26.62
O6 QTY K . 7.41 -23.86 19.75
C7 QTY K . 8.60 -29.01 19.92
N7 QTY K . 8.97 -20.79 26.94
O7 QTY K . 9.42 -28.20 20.35
C8 QTY K . 8.35 -30.33 20.61
N8 QTY K . 9.67 -20.20 27.89
C9 QTY K . 8.24 -30.20 22.12
N9 QTY K . 9.82 -16.74 28.58
C10 QTY K . 6.93 -29.56 22.53
N10 QTY K . 9.42 -11.55 28.27
O10 QTY K . 5.88 -29.84 21.97
C11 QTY K . 5.82 -28.14 24.15
C12 QTY K . 5.89 -26.65 24.27
C13 QTY K . 6.39 -25.73 23.40
C14 QTY K . 6.49 -23.19 23.51
C15 QTY K . 5.25 -22.31 23.54
O15 QTY K . 5.25 -21.66 24.83
C16 QTY K . 6.55 -21.72 25.42
C17 QTY K . 7.06 -20.28 25.51
C18 QTY K . 7.76 -20.08 24.17
C19 QTY K . 7.45 -22.42 24.41
O19 QTY K . 8.15 -21.39 23.70
C20 QTY K . 8.00 -18.85 27.37
C21 QTY K . 9.09 -18.99 28.17
C22 QTY K . 9.68 -18.06 29.17
O22 QTY K . 7.82 -16.00 29.26
C23 QTY K . 8.91 -15.79 28.75
C24 QTY K . 9.31 -14.40 28.31
C25 QTY K . 8.11 -13.57 27.84
O25 QTY K . 7.62 -11.43 26.91
C26 QTY K . 8.38 -12.10 27.61
C27 QTY K . 9.73 -10.16 28.21
O27 QTY K . 7.91 -9.63 29.69
C28 QTY K . 9.31 -9.44 29.49
O28 QTY K . 9.37 -7.30 30.63
C29 QTY K . 9.65 -7.96 29.39
O29 QTY K . 11.97 -8.05 30.11
C30 QTY K . 11.49 -8.60 27.79
O30 QTY K . 11.13 -9.98 28.01
C31 QTY K . 11.11 -7.75 29.01
O31 QTY K . 13.34 -9.66 26.61
C32 QTY K . 12.96 -8.56 27.44
HN10 QTY K . 10.06 -12.11 28.82
H13 QTY K . 6.85 -25.87 22.42
H14 QTY K . 6.87 -23.27 22.49
H16 QTY K . 6.49 -22.23 26.37
H17 QTY K . 6.22 -19.59 25.60
H19 QTY K . 8.24 -23.02 24.86
H11 QTY K . 4.90 -28.37 23.63
H11A QTY K . 5.69 -28.59 25.13
H20 QTY K . 7.26 -18.05 27.33
H27 QTY K . 9.20 -9.67 27.39
HO27 QTY K . 7.42 -9.07 29.02
H28 QTY K . 9.83 -9.90 30.32
HO28 QTY K . 9.59 -7.88 31.40
H29 QTY K . 9.00 -7.44 28.70
HO29 QTY K . 12.03 -9.02 30.26
H22 QTY K . 10.64 -18.42 29.52
H32 QTY K . 13.59 -8.63 28.32
H22A QTY K . 9.06 -18.05 30.07
H32A QTY K . 13.21 -7.62 26.95
H30 QTY K . 10.95 -8.21 26.92
H31 QTY K . 11.31 -6.70 28.83
HO31 QTY K . 13.83 -10.33 27.17
H24 QTY K . 10.04 -14.46 27.51
H24A QTY K . 9.90 -13.94 29.11
H15 QTY K . 5.16 -21.56 22.76
H25 QTY K . 7.31 -13.62 28.57
H15A QTY K . 4.33 -22.89 23.52
H25A QTY K . 7.63 -14.07 26.99
H6 QTY K . 5.74 -24.53 19.06
H6A QTY K . 6.44 -23.38 17.96
H18 QTY K . 7.12 -19.57 23.47
H8 QTY K . 7.45 -30.83 20.25
H18A QTY K . 8.70 -19.53 24.21
H8A QTY K . 9.17 -31.02 20.39
H9 QTY K . 8.26 -31.18 22.61
H9A QTY K . 9.13 -29.71 22.51
H1 QTY K . 9.09 -27.30 18.00
H2 QTY K . 6.62 -28.23 16.48
H3 QTY K . 8.91 -26.41 15.65
H4 QTY K . 7.23 -24.56 15.77
H5 QTY K . 6.26 -25.56 17.76
HN1 QTY K . 7.22 -29.49 18.50
HN2 QTY K . 7.89 -28.36 23.90
HN9 QTY K . 10.66 -16.59 28.02
HO2 QTY K . 9.42 -28.69 16.11
HO3 QTY K . 7.46 -27.85 14.17
HO4 QTY K . 5.47 -26.37 15.39
HO6 QTY K . 8.37 -23.81 19.50
C1 QTY L . -33.99 -0.99 1.77
N1 QTY L . -35.31 -1.42 2.09
C2 QTY L . -33.30 -0.37 2.99
N2 QTY L . -37.55 -5.02 -0.22
O2 QTY L . -34.07 0.72 3.47
C3 QTY L . -31.90 0.10 2.60
N3 QTY L . -34.29 -6.50 -2.52
O3 QTY L . -31.25 0.68 3.72
C4 QTY L . -31.08 -1.05 2.02
N4 QTY L . -34.89 -7.69 -2.75
O4 QTY L . -30.73 -2.00 3.03
C5 QTY L . -31.87 -1.75 0.91
N5 QTY L . -35.94 -7.75 -1.97
O5 QTY L . -33.21 -2.09 1.28
C6 QTY L . -31.24 -2.89 0.14
N6 QTY L . -32.68 -7.30 -7.77
O6 QTY L . -31.80 -3.07 -1.15
C7 QTY L . -36.29 -1.53 1.18
N7 QTY L . -33.80 -6.60 -8.01
O7 QTY L . -36.11 -1.25 0.00
C8 QTY L . -37.64 -1.96 1.71
N8 QTY L . -34.06 -6.69 -9.30
C9 QTY L . -38.32 -2.98 0.82
N9 QTY L . -31.79 -7.44 -11.89
C10 QTY L . -37.66 -4.34 0.92
N10 QTY L . -27.44 -8.25 -14.66
O10 QTY L . -37.29 -4.79 2.00
C11 QTY L . -37.10 -6.39 -0.24
C12 QTY L . -36.02 -6.61 -1.23
C13 QTY L . -34.96 -5.81 -1.58
C14 QTY L . -33.05 -6.15 -3.22
C15 QTY L . -32.01 -7.26 -3.10
O15 QTY L . -32.21 -8.13 -4.23
C16 QTY L . -32.97 -7.46 -5.25
C17 QTY L . -32.04 -7.30 -6.45
C18 QTY L . -31.36 -5.96 -6.19
C19 QTY L . -33.23 -6.05 -4.74
O19 QTY L . -32.23 -5.20 -5.33
C20 QTY L . -32.23 -7.87 -8.91
C21 QTY L . -33.11 -7.47 -9.88
C22 QTY L . -33.10 -7.75 -11.35
O22 QTY L . -31.00 -9.53 -11.65
C23 QTY L . -30.87 -8.38 -12.08
C24 QTY L . -29.66 -8.00 -12.89
C25 QTY L . -28.41 -8.75 -12.47
O25 QTY L . -26.07 -8.84 -12.96
C26 QTY L . -27.21 -8.60 -13.39
C27 QTY L . -26.41 -8.17 -15.64
O27 QTY L . -26.28 -10.56 -15.82
C28 QTY L . -26.43 -9.38 -16.57
O28 QTY L . -25.40 -10.31 -18.55
C29 QTY L . -25.32 -9.25 -17.62
O29 QTY L . -26.46 -7.86 -19.24
C30 QTY L . -25.47 -6.75 -17.31
O30 QTY L . -26.57 -6.97 -16.42
C31 QTY L . -25.37 -7.89 -18.33
O31 QTY L . -26.20 -4.44 -17.03
C32 QTY L . -25.68 -5.39 -17.96
HN10 QTY L . -28.37 -8.01 -15.00
H13 QTY L . -34.68 -4.84 -1.19
H14 QTY L . -32.67 -5.22 -2.79
H16 QTY L . -33.88 -8.02 -5.46
H17 QTY L . -31.30 -8.10 -6.47
H19 QTY L . -34.17 -5.62 -5.05
H11 QTY L . -36.73 -6.76 0.72
H11A QTY L . -37.96 -7.03 -0.46
H20 QTY L . -31.36 -8.53 -8.98
H27 QTY L . -25.42 -8.15 -15.18
HO27 QTY L . -25.33 -10.61 -15.50
H28 QTY L . -27.40 -9.41 -17.08
HO28 QTY L . -26.35 -10.52 -18.78
H29 QTY L . -24.34 -9.41 -17.17
HO29 QTY L . -27.31 -7.77 -18.77
H22 QTY L . -33.87 -7.15 -11.84
H32 QTY L . -26.40 -5.41 -18.77
H22A QTY L . -33.40 -8.77 -11.53
H32A QTY L . -24.75 -5.03 -18.39
H30 QTY L . -24.54 -6.70 -16.76
H31 QTY L . -24.50 -7.78 -18.97
HO31 QTY L . -27.17 -4.31 -17.21
H24 QTY L . -29.49 -6.93 -12.79
H24A QTY L . -29.91 -8.08 -13.96
H15 QTY L . -30.97 -6.95 -3.06
H25 QTY L . -28.61 -9.82 -12.42
H15A QTY L . -32.19 -7.89 -2.22
H25A QTY L . -28.18 -8.55 -11.41
H6 QTY L . -31.46 -3.87 0.57
H6A QTY L . -30.16 -2.81 0.11
H18 QTY L . -30.38 -6.12 -5.74
H8 QTY L . -37.57 -2.37 2.71
H18A QTY L . -31.22 -5.32 -7.06
H8A QTY L . -38.28 -1.08 1.79
H9 QTY L . -39.36 -3.12 1.10
H9A QTY L . -38.40 -2.59 -0.19
H1 QTY L . -34.02 -0.22 0.99
H2 QTY L . -33.23 -1.11 3.79
H3 QTY L . -31.99 0.94 1.92
H4 QTY L . -30.12 -0.70 1.67
H5 QTY L . -31.72 -2.53 1.65
HN1 QTY L . -35.48 -1.70 3.05
HN2 QTY L . -37.74 -4.59 -1.11
HN9 QTY L . -31.60 -6.47 -12.12
HO2 QTY L . -34.18 1.38 2.73
HO3 QTY L . -31.91 0.89 4.44
HO4 QTY L . -30.83 -1.61 3.93
HO6 QTY L . -31.87 -2.17 -1.57
MN MN M . -25.07 8.39 4.34
CA CA N . -27.18 4.92 3.47
#